data_6LC9
#
_entry.id   6LC9
#
_cell.length_a   50.389
_cell.length_b   74.083
_cell.length_c   102.822
_cell.angle_alpha   90.000
_cell.angle_beta   94.786
_cell.angle_gamma   90.000
#
_symmetry.space_group_name_H-M   'P 1 21 1'
#
loop_
_entity.id
_entity.type
_entity.pdbx_description
1 polymer Beta-lactamase
2 non-polymer 'ACYLATED CEFTAZIDIME'
3 non-polymer GLYCEROL
4 non-polymer 'SULFATE ION'
5 non-polymer '1,4-DIETHYLENE DIOXIDE'
6 water water
#
_entity_poly.entity_id   1
_entity_poly.type   'polypeptide(L)'
_entity_poly.pdbx_seq_one_letter_code
;MAPMSEKQLADVVERTVTPLMKAQAIPGMAVAVIYQGQPHYFTFGKADVAANKPVTPQTLFELGSVSKTFTGVLGGDAIA
RKEISLADPVTKYWPELTGKQWQGIRLLDLATYTAGGLPLQVPDNVTDNASLLRFYQSWQPKWAPGTTRLYANTSIGLFG
SLAVKPSGMRFEQAMAERVFKPLKLNHTWINVPHAEESHYAWGYREGKAVHVSPGMLDAEAYGVKSNVKDMASWVMANMA
PETLPPSTLQQGIALAQSRYWRVGAMYQGLGWEMLNWPVDVKTVVDGSDNKVALVPVAEVNPPAPPVKASWVHKTGSTGG
FGSYVAFIPEKQIGIVMLANKSYPNPVRVETAYRILETLQ
;
_entity_poly.pdbx_strand_id   A,B
#
# COMPACT_ATOMS: atom_id res chain seq x y z
N PRO A 3 -8.36 22.68 -21.14
CA PRO A 3 -8.24 21.24 -21.43
C PRO A 3 -6.86 20.88 -21.95
N MET A 4 -6.45 19.65 -21.70
CA MET A 4 -5.12 19.20 -22.06
C MET A 4 -5.08 18.81 -23.53
N SER A 5 -4.03 19.24 -24.22
CA SER A 5 -3.84 18.80 -25.60
C SER A 5 -3.41 17.33 -25.63
N GLU A 6 -3.50 16.74 -26.81
CA GLU A 6 -3.07 15.34 -26.95
C GLU A 6 -1.60 15.20 -26.59
N LYS A 7 -0.78 16.17 -27.01
CA LYS A 7 0.66 16.13 -26.71
C LYS A 7 0.90 16.30 -25.21
N GLN A 8 0.19 17.21 -24.56
CA GLN A 8 0.36 17.39 -23.12
C GLN A 8 -0.08 16.15 -22.35
N LEU A 9 -1.21 15.56 -22.74
CA LEU A 9 -1.66 14.35 -22.06
C LEU A 9 -0.69 13.20 -22.26
N ALA A 10 -0.14 13.06 -23.46
CA ALA A 10 0.87 12.03 -23.69
C ALA A 10 2.09 12.23 -22.80
N ASP A 11 2.45 13.48 -22.55
CA ASP A 11 3.59 13.76 -21.68
C ASP A 11 3.29 13.38 -20.24
N VAL A 12 2.07 13.63 -19.78
CA VAL A 12 1.67 13.25 -18.42
C VAL A 12 1.75 11.73 -18.26
N VAL A 13 1.20 11.00 -19.22
CA VAL A 13 1.19 9.55 -19.11
C VAL A 13 2.61 8.99 -19.18
N GLU A 14 3.41 9.47 -20.13
CA GLU A 14 4.78 8.96 -20.27
C GLU A 14 5.62 9.26 -19.01
N ARG A 15 5.52 10.49 -18.48
N ARG A 15 5.53 10.49 -18.48
CA ARG A 15 6.34 10.87 -17.33
CA ARG A 15 6.35 10.85 -17.34
C ARG A 15 6.00 10.03 -16.11
C ARG A 15 5.99 10.06 -16.09
N THR A 16 4.78 9.50 -16.03
CA THR A 16 4.35 8.66 -14.91
C THR A 16 4.68 7.18 -15.16
N VAL A 17 4.39 6.70 -16.36
CA VAL A 17 4.49 5.27 -16.64
C VAL A 17 5.94 4.85 -16.82
N THR A 18 6.78 5.69 -17.42
CA THR A 18 8.16 5.28 -17.68
C THR A 18 8.91 4.92 -16.40
N PRO A 19 9.01 5.78 -15.37
CA PRO A 19 9.73 5.35 -14.17
C PRO A 19 9.00 4.27 -13.39
N LEU A 20 7.67 4.18 -13.53
CA LEU A 20 6.93 3.09 -12.89
C LEU A 20 7.37 1.75 -13.47
N MET A 21 7.44 1.66 -14.80
CA MET A 21 7.78 0.38 -15.42
C MET A 21 9.22 -0.02 -15.07
N LYS A 22 10.11 0.97 -14.99
CA LYS A 22 11.49 0.66 -14.67
C LYS A 22 11.61 0.15 -13.24
N ALA A 23 10.94 0.84 -12.30
CA ALA A 23 11.06 0.47 -10.89
C ALA A 23 10.38 -0.87 -10.62
N GLN A 24 9.29 -1.16 -11.32
CA GLN A 24 8.56 -2.39 -11.07
C GLN A 24 9.00 -3.54 -11.96
N ALA A 25 9.88 -3.27 -12.93
CA ALA A 25 10.29 -4.26 -13.93
C ALA A 25 9.08 -4.80 -14.70
N ILE A 26 8.20 -3.89 -15.07
CA ILE A 26 7.05 -4.22 -15.91
C ILE A 26 7.52 -4.16 -17.36
N PRO A 27 7.51 -5.27 -18.11
CA PRO A 27 8.02 -5.19 -19.49
C PRO A 27 7.17 -4.34 -20.43
N GLY A 28 5.86 -4.36 -20.29
CA GLY A 28 4.99 -3.67 -21.24
C GLY A 28 3.69 -3.22 -20.61
N MET A 29 3.18 -2.08 -21.08
CA MET A 29 1.92 -1.54 -20.58
C MET A 29 1.17 -0.88 -21.72
N ALA A 30 -0.16 -0.98 -21.66
CA ALA A 30 -1.04 -0.25 -22.55
C ALA A 30 -2.00 0.55 -21.69
N VAL A 31 -2.15 1.82 -22.01
CA VAL A 31 -2.96 2.74 -21.21
C VAL A 31 -3.96 3.39 -22.14
N ALA A 32 -5.22 3.46 -21.72
CA ALA A 32 -6.21 4.30 -22.37
C ALA A 32 -6.71 5.32 -21.37
N VAL A 33 -6.74 6.59 -21.78
CA VAL A 33 -7.39 7.64 -21.00
C VAL A 33 -8.67 8.03 -21.74
N ILE A 34 -9.79 8.05 -21.03
CA ILE A 34 -11.05 8.51 -21.60
C ILE A 34 -11.23 9.96 -21.16
N TYR A 35 -11.36 10.87 -22.13
CA TYR A 35 -11.30 12.31 -21.85
C TYR A 35 -12.00 13.02 -22.99
N GLN A 36 -12.93 13.92 -22.65
CA GLN A 36 -13.70 14.69 -23.63
C GLN A 36 -14.45 13.80 -24.62
N GLY A 37 -14.90 12.64 -24.14
CA GLY A 37 -15.66 11.72 -24.94
C GLY A 37 -14.82 10.81 -25.80
N GLN A 38 -13.50 10.89 -25.72
CA GLN A 38 -12.61 10.22 -26.68
C GLN A 38 -11.66 9.29 -25.94
N PRO A 39 -11.31 8.16 -26.55
CA PRO A 39 -10.19 7.37 -26.05
C PRO A 39 -8.86 7.91 -26.55
N HIS A 40 -7.85 7.82 -25.68
CA HIS A 40 -6.48 8.20 -25.97
C HIS A 40 -5.58 7.04 -25.58
N TYR A 41 -4.81 6.51 -26.53
CA TYR A 41 -4.06 5.28 -26.31
C TYR A 41 -2.58 5.60 -26.21
N PHE A 42 -1.92 4.94 -25.25
CA PHE A 42 -0.49 5.08 -25.03
C PHE A 42 0.09 3.71 -24.77
N THR A 43 1.12 3.33 -25.52
CA THR A 43 1.68 1.99 -25.36
C THR A 43 3.18 2.07 -25.12
N PHE A 44 3.68 1.13 -24.30
CA PHE A 44 5.05 1.19 -23.80
C PHE A 44 5.64 -0.21 -23.75
N GLY A 45 6.90 -0.32 -24.14
CA GLY A 45 7.63 -1.55 -23.81
C GLY A 45 7.21 -2.74 -24.63
N LYS A 46 7.37 -3.93 -24.04
CA LYS A 46 7.34 -5.20 -24.78
C LYS A 46 6.16 -6.08 -24.38
N ALA A 47 5.43 -6.57 -25.37
CA ALA A 47 4.43 -7.61 -25.15
C ALA A 47 5.07 -8.98 -24.99
N ASP A 48 6.19 -9.22 -25.67
CA ASP A 48 6.90 -10.51 -25.65
C ASP A 48 8.37 -10.15 -25.61
N VAL A 49 8.98 -10.29 -24.42
CA VAL A 49 10.37 -9.90 -24.23
C VAL A 49 11.30 -10.74 -25.09
N ALA A 50 11.15 -12.07 -25.01
CA ALA A 50 12.06 -12.95 -25.75
C ALA A 50 11.97 -12.74 -27.24
N ALA A 51 10.78 -12.44 -27.75
CA ALA A 51 10.59 -12.24 -29.17
C ALA A 51 10.72 -10.78 -29.59
N ASN A 52 11.01 -9.90 -28.64
CA ASN A 52 11.14 -8.46 -28.89
C ASN A 52 9.93 -7.88 -29.63
N LYS A 53 8.73 -8.26 -29.19
CA LYS A 53 7.52 -7.73 -29.79
C LYS A 53 6.99 -6.59 -28.95
N PRO A 54 6.75 -5.43 -29.52
CA PRO A 54 6.28 -4.30 -28.71
C PRO A 54 4.80 -4.38 -28.40
N VAL A 55 4.42 -3.76 -27.29
CA VAL A 55 3.00 -3.53 -27.01
C VAL A 55 2.44 -2.59 -28.06
N THR A 56 1.25 -2.93 -28.59
CA THR A 56 0.50 -2.08 -29.50
C THR A 56 -0.91 -1.98 -28.96
N PRO A 57 -1.75 -1.14 -29.55
CA PRO A 57 -3.16 -1.11 -29.11
C PRO A 57 -3.91 -2.41 -29.40
N GLN A 58 -3.34 -3.31 -30.19
N GLN A 58 -3.36 -3.31 -30.22
CA GLN A 58 -3.94 -4.60 -30.48
CA GLN A 58 -3.97 -4.61 -30.47
C GLN A 58 -3.44 -5.71 -29.56
C GLN A 58 -3.48 -5.70 -29.51
N THR A 59 -2.48 -5.41 -28.68
CA THR A 59 -1.95 -6.43 -27.77
C THR A 59 -3.01 -6.87 -26.79
N LEU A 60 -3.17 -8.20 -26.65
CA LEU A 60 -4.08 -8.77 -25.65
C LEU A 60 -3.36 -8.99 -24.34
N PHE A 61 -4.02 -8.56 -23.26
CA PHE A 61 -3.53 -8.73 -21.89
C PHE A 61 -4.53 -9.59 -21.15
N GLU A 62 -4.05 -10.35 -20.16
CA GLU A 62 -4.96 -11.01 -19.23
C GLU A 62 -5.52 -10.00 -18.23
N LEU A 63 -6.85 -9.91 -18.14
CA LEU A 63 -7.48 -8.94 -17.26
C LEU A 63 -7.56 -9.41 -15.81
N GLY A 64 -7.38 -10.70 -15.58
CA GLY A 64 -7.52 -11.16 -14.22
C GLY A 64 -8.89 -10.78 -13.67
N SER A 65 -8.91 -10.37 -12.40
CA SER A 65 -10.20 -10.10 -11.76
C SER A 65 -10.98 -8.94 -12.36
N VAL A 66 -10.40 -8.13 -13.27
CA VAL A 66 -11.23 -7.17 -13.96
C VAL A 66 -12.31 -7.88 -14.78
N SER A 67 -12.10 -9.17 -15.07
CA SER A 67 -13.15 -9.97 -15.70
C SER A 67 -14.46 -9.89 -14.94
N LYS A 68 -14.39 -9.76 -13.62
CA LYS A 68 -15.60 -9.75 -12.81
C LYS A 68 -16.54 -8.58 -13.17
N THR A 69 -16.02 -7.51 -13.77
CA THR A 69 -16.94 -6.45 -14.21
C THR A 69 -17.81 -6.92 -15.37
N PHE A 70 -17.26 -7.75 -16.26
CA PHE A 70 -18.07 -8.39 -17.31
C PHE A 70 -19.09 -9.33 -16.71
N THR A 71 -18.65 -10.16 -15.76
CA THR A 71 -19.57 -11.09 -15.09
C THR A 71 -20.71 -10.34 -14.44
N GLY A 72 -20.40 -9.23 -13.74
CA GLY A 72 -21.45 -8.51 -13.05
C GLY A 72 -22.46 -7.91 -14.02
N VAL A 73 -21.97 -7.36 -15.12
CA VAL A 73 -22.88 -6.77 -16.10
C VAL A 73 -23.71 -7.87 -16.79
N LEU A 74 -23.09 -9.03 -17.08
CA LEU A 74 -23.89 -10.11 -17.65
C LEU A 74 -24.98 -10.56 -16.69
N GLY A 75 -24.63 -10.66 -15.40
CA GLY A 75 -25.65 -10.96 -14.41
C GLY A 75 -26.73 -9.90 -14.35
N GLY A 76 -26.34 -8.62 -14.40
CA GLY A 76 -27.35 -7.56 -14.45
C GLY A 76 -28.25 -7.68 -15.66
N ASP A 77 -27.66 -8.04 -16.80
CA ASP A 77 -28.45 -8.23 -18.03
C ASP A 77 -29.46 -9.38 -17.85
N ALA A 78 -29.05 -10.45 -17.16
CA ALA A 78 -29.95 -11.57 -16.91
C ALA A 78 -31.09 -11.16 -15.98
N ILE A 79 -30.81 -10.31 -14.99
CA ILE A 79 -31.87 -9.77 -14.14
C ILE A 79 -32.85 -8.96 -14.97
N ALA A 80 -32.32 -8.11 -15.84
CA ALA A 80 -33.16 -7.24 -16.67
C ALA A 80 -34.01 -8.05 -17.66
N ARG A 81 -33.51 -9.19 -18.10
CA ARG A 81 -34.29 -10.11 -18.94
C ARG A 81 -35.33 -10.88 -18.12
N LYS A 82 -35.34 -10.72 -16.80
CA LYS A 82 -36.23 -11.44 -15.88
C LYS A 82 -35.96 -12.94 -15.89
N GLU A 83 -34.70 -13.32 -16.15
CA GLU A 83 -34.31 -14.72 -16.06
C GLU A 83 -33.90 -15.12 -14.65
N ILE A 84 -33.37 -14.19 -13.87
CA ILE A 84 -32.97 -14.47 -12.50
C ILE A 84 -33.36 -13.27 -11.64
N SER A 85 -33.34 -13.48 -10.33
CA SER A 85 -33.44 -12.41 -9.34
C SER A 85 -32.32 -12.58 -8.33
N LEU A 86 -31.71 -11.48 -7.88
CA LEU A 86 -30.69 -11.61 -6.85
C LEU A 86 -31.27 -12.17 -5.55
N ALA A 87 -32.59 -12.07 -5.35
CA ALA A 87 -33.18 -12.63 -4.15
C ALA A 87 -33.45 -14.12 -4.24
N ASP A 88 -33.27 -14.73 -5.41
CA ASP A 88 -33.53 -16.15 -5.57
C ASP A 88 -32.56 -16.97 -4.72
N PRO A 89 -33.00 -18.09 -4.16
CA PRO A 89 -32.07 -18.98 -3.47
C PRO A 89 -31.12 -19.63 -4.45
N VAL A 90 -29.90 -19.89 -3.98
CA VAL A 90 -28.93 -20.56 -4.83
C VAL A 90 -29.48 -21.90 -5.29
N THR A 91 -30.26 -22.57 -4.45
CA THR A 91 -30.77 -23.91 -4.74
C THR A 91 -31.80 -23.92 -5.85
N LYS A 92 -32.36 -22.76 -6.20
CA LYS A 92 -33.25 -22.69 -7.35
C LYS A 92 -32.52 -23.03 -8.64
N TYR A 93 -31.22 -22.72 -8.69
CA TYR A 93 -30.40 -22.94 -9.88
C TYR A 93 -29.43 -24.09 -9.73
N TRP A 94 -29.18 -24.56 -8.51
CA TRP A 94 -28.36 -25.75 -8.29
C TRP A 94 -29.03 -26.55 -7.19
N PRO A 95 -30.11 -27.26 -7.52
CA PRO A 95 -30.86 -28.00 -6.49
C PRO A 95 -30.07 -29.08 -5.79
N GLU A 96 -28.95 -29.54 -6.36
CA GLU A 96 -28.14 -30.56 -5.72
C GLU A 96 -27.44 -30.06 -4.46
N LEU A 97 -27.37 -28.74 -4.26
CA LEU A 97 -26.82 -28.16 -3.04
C LEU A 97 -27.86 -28.24 -1.92
N THR A 98 -28.04 -29.47 -1.42
CA THR A 98 -29.09 -29.76 -0.45
C THR A 98 -28.67 -29.54 1.00
N GLY A 99 -27.41 -29.22 1.26
CA GLY A 99 -26.98 -29.04 2.63
C GLY A 99 -27.67 -27.86 3.29
N LYS A 100 -27.87 -27.99 4.59
CA LYS A 100 -28.58 -26.98 5.36
C LYS A 100 -27.84 -25.65 5.36
N GLN A 101 -26.52 -25.66 5.15
CA GLN A 101 -25.79 -24.40 5.14
C GLN A 101 -26.13 -23.58 3.90
N TRP A 102 -26.72 -24.20 2.89
CA TRP A 102 -27.07 -23.50 1.65
C TRP A 102 -28.50 -22.98 1.63
N GLN A 103 -29.34 -23.39 2.58
CA GLN A 103 -30.76 -23.05 2.49
C GLN A 103 -30.99 -21.54 2.42
N GLY A 104 -30.30 -20.75 3.24
CA GLY A 104 -30.54 -19.32 3.27
C GLY A 104 -29.69 -18.44 2.36
N ILE A 105 -28.92 -19.03 1.47
CA ILE A 105 -27.97 -18.29 0.65
C ILE A 105 -28.63 -17.94 -0.68
N ARG A 106 -28.44 -16.68 -1.10
CA ARG A 106 -29.09 -16.14 -2.29
C ARG A 106 -28.07 -15.87 -3.38
N LEU A 107 -28.59 -15.71 -4.61
CA LEU A 107 -27.69 -15.28 -5.68
C LEU A 107 -26.97 -13.98 -5.32
N LEU A 108 -27.67 -13.06 -4.64
CA LEU A 108 -27.04 -11.82 -4.19
C LEU A 108 -25.77 -12.11 -3.42
N ASP A 109 -25.84 -13.09 -2.50
CA ASP A 109 -24.69 -13.41 -1.67
C ASP A 109 -23.53 -13.93 -2.50
N LEU A 110 -23.80 -14.76 -3.52
CA LEU A 110 -22.69 -15.20 -4.38
C LEU A 110 -22.10 -14.04 -5.18
N ALA A 111 -22.96 -13.19 -5.73
CA ALA A 111 -22.50 -12.09 -6.60
C ALA A 111 -21.62 -11.09 -5.85
N THR A 112 -21.87 -10.90 -4.55
CA THR A 112 -21.25 -9.80 -3.82
C THR A 112 -20.42 -10.27 -2.63
N TYR A 113 -20.07 -11.56 -2.56
CA TYR A 113 -19.10 -12.10 -1.60
C TYR A 113 -19.63 -12.16 -0.18
N THR A 114 -20.94 -12.28 0.01
CA THR A 114 -21.53 -12.23 1.33
C THR A 114 -22.16 -13.57 1.75
N ALA A 115 -21.73 -14.66 1.13
CA ALA A 115 -22.32 -15.95 1.52
C ALA A 115 -21.87 -16.41 2.89
N GLY A 116 -20.80 -15.83 3.42
CA GLY A 116 -20.39 -16.17 4.78
C GLY A 116 -19.05 -16.87 4.82
N GLY A 117 -18.21 -16.60 3.84
CA GLY A 117 -16.84 -17.08 3.87
C GLY A 117 -16.53 -18.16 2.86
N LEU A 118 -17.15 -18.10 1.69
CA LEU A 118 -16.69 -18.98 0.60
C LEU A 118 -15.22 -18.69 0.32
N PRO A 119 -14.42 -19.71 0.04
CA PRO A 119 -12.97 -19.51 -0.01
C PRO A 119 -12.54 -18.81 -1.28
N LEU A 120 -11.32 -18.31 -1.24
CA LEU A 120 -10.81 -17.49 -2.34
C LEU A 120 -10.82 -18.25 -3.67
N GLN A 121 -10.27 -19.48 -3.70
CA GLN A 121 -10.03 -20.15 -4.96
C GLN A 121 -10.74 -21.49 -5.02
N VAL A 122 -11.15 -21.86 -6.22
CA VAL A 122 -11.44 -23.27 -6.49
C VAL A 122 -10.14 -24.06 -6.41
N PRO A 123 -10.09 -25.15 -5.65
CA PRO A 123 -8.87 -25.96 -5.60
C PRO A 123 -8.46 -26.47 -6.97
N ASP A 124 -7.14 -26.54 -7.21
CA ASP A 124 -6.64 -26.90 -8.53
C ASP A 124 -7.04 -28.32 -8.92
N ASN A 125 -7.26 -29.19 -7.93
CA ASN A 125 -7.62 -30.58 -8.25
C ASN A 125 -9.13 -30.77 -8.41
N VAL A 126 -9.91 -29.70 -8.40
CA VAL A 126 -11.31 -29.74 -8.76
C VAL A 126 -11.38 -29.42 -10.26
N THR A 127 -11.66 -30.44 -11.06
CA THR A 127 -11.61 -30.29 -12.51
C THR A 127 -12.85 -30.80 -13.23
N ASP A 128 -13.91 -31.18 -12.50
CA ASP A 128 -15.14 -31.63 -13.14
C ASP A 128 -16.31 -31.26 -12.26
N ASN A 129 -17.51 -31.50 -12.79
CA ASN A 129 -18.71 -31.03 -12.08
C ASN A 129 -18.97 -31.85 -10.82
N ALA A 130 -18.66 -33.15 -10.82
CA ALA A 130 -18.85 -33.96 -9.61
C ALA A 130 -17.94 -33.47 -8.49
N SER A 131 -16.71 -33.10 -8.83
N SER A 131 -16.70 -33.11 -8.82
CA SER A 131 -15.78 -32.61 -7.81
CA SER A 131 -15.79 -32.61 -7.80
C SER A 131 -16.18 -31.21 -7.34
C SER A 131 -16.19 -31.20 -7.33
N LEU A 132 -16.68 -30.37 -8.25
CA LEU A 132 -17.11 -29.02 -7.86
C LEU A 132 -18.33 -29.10 -6.95
N LEU A 133 -19.25 -30.03 -7.23
CA LEU A 133 -20.39 -30.23 -6.34
C LEU A 133 -19.90 -30.62 -4.94
N ARG A 134 -19.00 -31.60 -4.86
CA ARG A 134 -18.48 -32.00 -3.54
C ARG A 134 -17.79 -30.84 -2.84
N PHE A 135 -17.11 -29.96 -3.58
CA PHE A 135 -16.46 -28.78 -3.00
C PHE A 135 -17.47 -27.88 -2.31
N TYR A 136 -18.53 -27.49 -3.02
CA TYR A 136 -19.51 -26.62 -2.41
C TYR A 136 -20.32 -27.33 -1.33
N GLN A 137 -20.60 -28.63 -1.50
N GLN A 137 -20.59 -28.63 -1.47
CA GLN A 137 -21.31 -29.39 -0.47
CA GLN A 137 -21.35 -29.32 -0.44
C GLN A 137 -20.54 -29.39 0.85
C GLN A 137 -20.56 -29.51 0.84
N SER A 138 -19.22 -29.45 0.78
CA SER A 138 -18.41 -29.63 1.98
C SER A 138 -18.17 -28.33 2.72
N TRP A 139 -18.49 -27.20 2.11
CA TRP A 139 -18.13 -25.88 2.64
C TRP A 139 -18.93 -25.56 3.88
N GLN A 140 -18.24 -25.10 4.92
CA GLN A 140 -18.88 -24.77 6.19
C GLN A 140 -18.76 -23.26 6.37
N PRO A 141 -19.86 -22.51 6.34
CA PRO A 141 -19.77 -21.06 6.54
C PRO A 141 -19.28 -20.67 7.93
N LYS A 142 -18.60 -19.52 7.99
CA LYS A 142 -18.16 -18.97 9.27
C LYS A 142 -19.16 -17.99 9.85
N TRP A 143 -19.97 -17.33 8.99
CA TRP A 143 -20.92 -16.33 9.46
C TRP A 143 -22.19 -16.44 8.64
N ALA A 144 -23.28 -15.93 9.22
CA ALA A 144 -24.57 -15.92 8.55
C ALA A 144 -24.51 -15.13 7.24
N PRO A 145 -25.31 -15.52 6.24
CA PRO A 145 -25.23 -14.84 4.94
C PRO A 145 -25.72 -13.41 5.03
N GLY A 146 -25.19 -12.57 4.15
CA GLY A 146 -25.60 -11.18 4.13
C GLY A 146 -25.03 -10.32 5.24
N THR A 147 -23.96 -10.76 5.90
CA THR A 147 -23.45 -10.02 7.05
C THR A 147 -21.94 -9.74 6.98
N THR A 148 -21.20 -10.41 6.09
CA THR A 148 -19.75 -10.28 5.99
C THR A 148 -19.38 -10.24 4.52
N ARG A 149 -18.17 -9.75 4.25
CA ARG A 149 -17.60 -9.79 2.91
C ARG A 149 -16.28 -10.54 2.98
N LEU A 150 -16.08 -11.48 2.07
CA LEU A 150 -14.78 -12.11 1.84
C LEU A 150 -14.66 -12.27 0.33
N TYR A 151 -13.82 -11.44 -0.27
CA TYR A 151 -13.61 -11.52 -1.72
C TYR A 151 -13.25 -12.94 -2.09
N ALA A 152 -13.94 -13.50 -3.10
CA ALA A 152 -13.77 -14.93 -3.38
C ALA A 152 -14.13 -15.23 -4.82
N ASN A 153 -13.19 -15.85 -5.54
CA ASN A 153 -13.52 -16.34 -6.88
C ASN A 153 -14.61 -17.39 -6.85
N THR A 154 -14.67 -18.22 -5.79
CA THR A 154 -15.66 -19.28 -5.73
C THR A 154 -17.04 -18.71 -5.52
N SER A 155 -17.14 -17.45 -5.09
CA SER A 155 -18.44 -16.85 -4.84
C SER A 155 -19.01 -16.28 -6.14
N ILE A 156 -18.39 -15.23 -6.67
CA ILE A 156 -18.90 -14.65 -7.93
C ILE A 156 -18.68 -15.59 -9.11
N GLY A 157 -17.70 -16.50 -9.05
CA GLY A 157 -17.56 -17.50 -10.10
C GLY A 157 -18.82 -18.36 -10.20
N LEU A 158 -19.32 -18.83 -9.04
CA LEU A 158 -20.54 -19.63 -9.04
C LEU A 158 -21.73 -18.77 -9.43
N PHE A 159 -21.77 -17.53 -8.97
CA PHE A 159 -22.83 -16.63 -9.42
C PHE A 159 -22.91 -16.58 -10.93
N GLY A 160 -21.77 -16.39 -11.60
CA GLY A 160 -21.81 -16.25 -13.05
C GLY A 160 -22.29 -17.51 -13.74
N SER A 161 -21.83 -18.68 -13.25
CA SER A 161 -22.24 -19.95 -13.82
C SER A 161 -23.74 -20.19 -13.64
N LEU A 162 -24.27 -19.84 -12.46
CA LEU A 162 -25.70 -20.04 -12.23
C LEU A 162 -26.56 -19.02 -12.97
N ALA A 163 -26.07 -17.77 -13.08
CA ALA A 163 -26.83 -16.69 -13.66
C ALA A 163 -27.17 -16.96 -15.12
N VAL A 164 -26.34 -17.73 -15.83
CA VAL A 164 -26.60 -17.96 -17.25
C VAL A 164 -27.44 -19.20 -17.48
N LYS A 165 -27.74 -19.98 -16.44
CA LYS A 165 -28.46 -21.23 -16.66
C LYS A 165 -29.82 -21.04 -17.32
N PRO A 166 -30.61 -20.02 -16.96
CA PRO A 166 -31.90 -19.84 -17.67
C PRO A 166 -31.76 -19.49 -19.13
N SER A 167 -30.57 -19.08 -19.58
CA SER A 167 -30.38 -18.74 -20.99
C SER A 167 -30.13 -19.96 -21.86
N GLY A 168 -29.79 -21.10 -21.26
CA GLY A 168 -29.42 -22.28 -22.02
C GLY A 168 -28.01 -22.24 -22.57
N MET A 169 -27.29 -21.16 -22.37
CA MET A 169 -25.94 -20.99 -22.91
C MET A 169 -24.89 -21.23 -21.82
N ARG A 170 -23.75 -21.78 -22.24
CA ARG A 170 -22.60 -21.74 -21.36
C ARG A 170 -22.19 -20.30 -21.14
N PHE A 171 -21.47 -20.07 -20.02
CA PHE A 171 -21.10 -18.70 -19.66
C PHE A 171 -20.38 -17.99 -20.79
N GLU A 172 -19.42 -18.68 -21.44
CA GLU A 172 -18.66 -18.04 -22.51
C GLU A 172 -19.55 -17.60 -23.67
N GLN A 173 -20.50 -18.45 -24.06
N GLN A 173 -20.47 -18.48 -24.10
CA GLN A 173 -21.36 -18.08 -25.19
CA GLN A 173 -21.40 -18.12 -25.17
C GLN A 173 -22.38 -17.00 -24.83
C GLN A 173 -22.24 -16.92 -24.76
N ALA A 174 -22.86 -16.99 -23.58
CA ALA A 174 -23.75 -15.92 -23.14
C ALA A 174 -23.01 -14.58 -23.08
N MET A 175 -21.80 -14.58 -22.54
CA MET A 175 -21.00 -13.35 -22.52
C MET A 175 -20.78 -12.80 -23.93
N ALA A 176 -20.40 -13.67 -24.87
CA ALA A 176 -20.13 -13.21 -26.24
C ALA A 176 -21.38 -12.63 -26.88
N GLU A 177 -22.52 -13.30 -26.68
CA GLU A 177 -23.74 -12.91 -27.38
C GLU A 177 -24.39 -11.67 -26.76
N ARG A 178 -24.34 -11.54 -25.44
CA ARG A 178 -25.13 -10.55 -24.72
C ARG A 178 -24.34 -9.33 -24.27
N VAL A 179 -23.01 -9.40 -24.25
CA VAL A 179 -22.18 -8.30 -23.76
C VAL A 179 -21.14 -7.92 -24.82
N PHE A 180 -20.29 -8.88 -25.21
CA PHE A 180 -19.21 -8.54 -26.14
C PHE A 180 -19.77 -8.06 -27.49
N LYS A 181 -20.65 -8.84 -28.10
CA LYS A 181 -21.09 -8.52 -29.46
C LYS A 181 -21.89 -7.21 -29.50
N PRO A 182 -22.88 -6.98 -28.64
CA PRO A 182 -23.62 -5.72 -28.72
C PRO A 182 -22.74 -4.49 -28.54
N LEU A 183 -21.67 -4.61 -27.76
CA LEU A 183 -20.75 -3.51 -27.52
C LEU A 183 -19.61 -3.47 -28.52
N LYS A 184 -19.62 -4.37 -29.51
CA LYS A 184 -18.59 -4.46 -30.56
C LYS A 184 -17.21 -4.65 -29.95
N LEU A 185 -17.15 -5.46 -28.90
CA LEU A 185 -15.88 -5.83 -28.28
C LEU A 185 -15.44 -7.10 -29.00
N ASN A 186 -14.91 -6.91 -30.20
CA ASN A 186 -14.60 -7.99 -31.11
C ASN A 186 -13.20 -8.52 -30.95
N HIS A 187 -12.42 -7.99 -30.01
CA HIS A 187 -11.10 -8.50 -29.70
C HIS A 187 -10.97 -8.76 -28.21
N THR A 188 -12.04 -9.29 -27.62
CA THR A 188 -12.11 -9.58 -26.20
C THR A 188 -12.50 -11.04 -26.11
N TRP A 189 -11.73 -11.82 -25.35
CA TRP A 189 -11.78 -13.26 -25.49
C TRP A 189 -11.76 -13.93 -24.12
N ILE A 190 -12.59 -14.95 -23.96
CA ILE A 190 -12.40 -15.87 -22.83
C ILE A 190 -11.40 -16.94 -23.21
N ASN A 191 -11.47 -17.43 -24.45
CA ASN A 191 -10.44 -18.28 -25.03
C ASN A 191 -9.89 -17.57 -26.25
N VAL A 192 -8.58 -17.31 -26.25
CA VAL A 192 -7.93 -16.62 -27.36
C VAL A 192 -7.92 -17.56 -28.57
N PRO A 193 -8.50 -17.16 -29.70
CA PRO A 193 -8.50 -18.02 -30.88
C PRO A 193 -7.09 -18.20 -31.42
N HIS A 194 -6.87 -19.34 -32.08
N HIS A 194 -6.87 -19.34 -32.08
CA HIS A 194 -5.58 -19.60 -32.71
CA HIS A 194 -5.55 -19.57 -32.69
C HIS A 194 -5.16 -18.43 -33.59
C HIS A 194 -5.15 -18.42 -33.60
N ALA A 195 -6.10 -17.89 -34.35
CA ALA A 195 -5.82 -16.81 -35.28
C ALA A 195 -5.48 -15.49 -34.60
N GLU A 196 -5.69 -15.37 -33.30
CA GLU A 196 -5.37 -14.15 -32.56
C GLU A 196 -4.14 -14.31 -31.67
N GLU A 197 -3.48 -15.47 -31.67
CA GLU A 197 -2.41 -15.73 -30.71
C GLU A 197 -1.23 -14.79 -30.92
N SER A 198 -0.99 -14.33 -32.15
CA SER A 198 0.10 -13.40 -32.36
C SER A 198 -0.06 -12.12 -31.55
N HIS A 199 -1.28 -11.80 -31.11
CA HIS A 199 -1.52 -10.58 -30.35
C HIS A 199 -1.43 -10.80 -28.85
N TYR A 200 -1.29 -12.04 -28.41
CA TYR A 200 -1.43 -12.35 -26.98
C TYR A 200 -0.09 -12.10 -26.30
N ALA A 201 -0.01 -11.06 -25.48
CA ALA A 201 1.21 -10.81 -24.70
C ALA A 201 1.50 -11.99 -23.77
N TRP A 202 2.76 -12.14 -23.44
CA TRP A 202 3.16 -13.01 -22.33
C TRP A 202 3.11 -12.18 -21.06
N GLY A 203 2.74 -12.83 -19.95
CA GLY A 203 2.92 -12.22 -18.66
C GLY A 203 4.21 -12.69 -18.05
N TYR A 204 4.69 -11.98 -17.04
CA TYR A 204 6.00 -12.28 -16.48
C TYR A 204 5.91 -12.38 -14.97
N ARG A 205 6.30 -13.54 -14.43
N ARG A 205 6.33 -13.53 -14.43
CA ARG A 205 6.40 -13.75 -12.99
CA ARG A 205 6.39 -13.77 -12.99
C ARG A 205 7.82 -14.16 -12.68
C ARG A 205 7.81 -14.19 -12.66
N GLU A 206 8.49 -13.39 -11.84
CA GLU A 206 9.89 -13.60 -11.50
C GLU A 206 10.74 -13.79 -12.76
N GLY A 207 10.47 -12.94 -13.75
CA GLY A 207 11.24 -12.94 -14.98
C GLY A 207 10.89 -14.03 -15.98
N LYS A 208 9.85 -14.82 -15.71
CA LYS A 208 9.54 -15.99 -16.51
C LYS A 208 8.19 -15.79 -17.20
N ALA A 209 8.13 -16.09 -18.50
CA ALA A 209 6.88 -15.89 -19.24
C ALA A 209 5.83 -16.90 -18.80
N VAL A 210 4.61 -16.41 -18.54
N VAL A 210 4.60 -16.43 -18.57
CA VAL A 210 3.53 -17.24 -18.05
CA VAL A 210 3.54 -17.28 -18.07
C VAL A 210 2.21 -16.75 -18.65
C VAL A 210 2.20 -16.77 -18.57
N HIS A 211 1.34 -17.71 -18.96
CA HIS A 211 -0.06 -17.44 -19.28
C HIS A 211 -0.91 -18.13 -18.23
N VAL A 212 -2.12 -17.61 -18.05
CA VAL A 212 -3.01 -18.17 -17.04
C VAL A 212 -3.38 -19.62 -17.39
N SER A 213 -3.48 -20.46 -16.37
CA SER A 213 -3.84 -21.87 -16.50
C SER A 213 -5.36 -22.04 -16.45
N PRO A 214 -5.91 -23.02 -17.14
CA PRO A 214 -7.36 -23.31 -17.00
C PRO A 214 -7.70 -23.71 -15.59
N GLY A 215 -8.91 -23.34 -15.16
CA GLY A 215 -9.38 -23.72 -13.84
C GLY A 215 -10.86 -23.64 -13.86
N MET A 216 -11.53 -24.38 -12.99
N MET A 216 -11.54 -24.38 -13.00
CA MET A 216 -12.97 -24.25 -12.90
CA MET A 216 -12.99 -24.27 -12.98
C MET A 216 -13.35 -22.83 -12.56
C MET A 216 -13.39 -22.88 -12.53
N LEU A 217 -14.42 -22.35 -13.21
CA LEU A 217 -14.96 -21.03 -12.99
C LEU A 217 -13.98 -19.91 -13.36
N ASP A 218 -12.99 -20.21 -14.21
CA ASP A 218 -12.01 -19.20 -14.55
C ASP A 218 -12.61 -18.06 -15.36
N ALA A 219 -13.49 -18.37 -16.32
CA ALA A 219 -14.02 -17.31 -17.17
C ALA A 219 -14.78 -16.28 -16.35
N GLU A 220 -15.53 -16.76 -15.37
CA GLU A 220 -16.36 -15.92 -14.53
C GLU A 220 -15.53 -15.01 -13.64
N ALA A 221 -14.39 -15.50 -13.15
CA ALA A 221 -13.69 -14.82 -12.08
C ALA A 221 -12.42 -14.11 -12.55
N TYR A 222 -11.69 -14.65 -13.54
CA TYR A 222 -10.38 -14.06 -13.82
C TYR A 222 -9.86 -14.33 -15.22
N GLY A 223 -10.71 -14.82 -16.14
CA GLY A 223 -10.20 -15.38 -17.37
C GLY A 223 -10.33 -14.60 -18.65
N VAL A 224 -10.78 -13.34 -18.62
CA VAL A 224 -10.95 -12.58 -19.87
C VAL A 224 -9.63 -11.97 -20.31
N LYS A 225 -9.39 -11.93 -21.63
CA LYS A 225 -8.25 -11.27 -22.23
C LYS A 225 -8.78 -10.20 -23.18
N SER A 226 -8.12 -9.04 -23.23
CA SER A 226 -8.60 -7.98 -24.10
C SER A 226 -7.45 -7.08 -24.45
N ASN A 227 -7.67 -6.21 -25.43
CA ASN A 227 -6.69 -5.18 -25.78
C ASN A 227 -7.16 -3.82 -25.26
N VAL A 228 -6.27 -2.83 -25.39
CA VAL A 228 -6.56 -1.56 -24.73
C VAL A 228 -7.71 -0.82 -25.42
N LYS A 229 -7.95 -1.09 -26.71
CA LYS A 229 -9.03 -0.40 -27.40
C LYS A 229 -10.38 -0.94 -26.95
N ASP A 230 -10.50 -2.27 -26.88
CA ASP A 230 -11.74 -2.86 -26.38
C ASP A 230 -11.99 -2.46 -24.94
N MET A 231 -10.92 -2.35 -24.14
CA MET A 231 -11.14 -2.02 -22.73
C MET A 231 -11.51 -0.54 -22.58
N ALA A 232 -11.01 0.33 -23.47
CA ALA A 232 -11.48 1.72 -23.47
C ALA A 232 -12.96 1.76 -23.79
N SER A 233 -13.40 0.98 -24.79
N SER A 233 -13.40 0.96 -24.76
CA SER A 233 -14.82 0.94 -25.12
CA SER A 233 -14.82 0.94 -25.12
C SER A 233 -15.63 0.45 -23.92
C SER A 233 -15.66 0.40 -23.97
N TRP A 234 -15.13 -0.58 -23.24
CA TRP A 234 -15.82 -1.11 -22.07
C TRP A 234 -15.97 -0.02 -21.00
N VAL A 235 -14.90 0.70 -20.69
CA VAL A 235 -15.01 1.79 -19.73
C VAL A 235 -16.01 2.85 -20.21
N MET A 236 -15.97 3.20 -21.50
N MET A 236 -15.97 3.21 -21.51
CA MET A 236 -16.88 4.22 -22.01
CA MET A 236 -16.88 4.22 -22.03
C MET A 236 -18.33 3.77 -21.90
C MET A 236 -18.32 3.77 -21.88
N ALA A 237 -18.59 2.47 -22.13
CA ALA A 237 -19.95 1.97 -22.03
C ALA A 237 -20.45 2.01 -20.59
N ASN A 238 -19.57 1.70 -19.64
CA ASN A 238 -19.99 1.68 -18.24
C ASN A 238 -20.02 3.09 -17.65
N MET A 239 -19.24 4.01 -18.21
CA MET A 239 -19.27 5.38 -17.68
C MET A 239 -20.47 6.16 -18.21
N ALA A 240 -20.87 5.88 -19.45
CA ALA A 240 -21.93 6.66 -20.10
C ALA A 240 -22.94 5.73 -20.76
N PRO A 241 -23.59 4.85 -19.99
CA PRO A 241 -24.53 3.91 -20.61
C PRO A 241 -25.76 4.59 -21.19
N GLU A 242 -26.01 5.84 -20.80
CA GLU A 242 -27.13 6.56 -21.37
C GLU A 242 -26.91 6.89 -22.84
N THR A 243 -25.67 6.83 -23.32
CA THR A 243 -25.42 7.04 -24.74
C THR A 243 -25.67 5.79 -25.56
N LEU A 244 -25.92 4.65 -24.90
CA LEU A 244 -26.27 3.42 -25.55
C LEU A 244 -27.76 3.40 -25.87
N PRO A 245 -28.19 2.58 -26.84
CA PRO A 245 -29.61 2.41 -27.07
C PRO A 245 -30.25 1.68 -25.90
N PRO A 246 -31.54 1.89 -25.67
CA PRO A 246 -32.21 1.17 -24.57
C PRO A 246 -32.17 -0.33 -24.80
N SER A 247 -31.86 -1.07 -23.74
CA SER A 247 -31.70 -2.52 -23.86
C SER A 247 -31.55 -3.11 -22.47
N THR A 248 -31.66 -4.43 -22.38
CA THR A 248 -31.38 -5.10 -21.11
C THR A 248 -29.92 -4.96 -20.73
N LEU A 249 -29.03 -4.79 -21.71
CA LEU A 249 -27.62 -4.62 -21.39
C LEU A 249 -27.37 -3.27 -20.73
N GLN A 250 -28.03 -2.23 -21.24
CA GLN A 250 -27.95 -0.92 -20.58
C GLN A 250 -28.52 -0.99 -19.16
N GLN A 251 -29.64 -1.69 -18.99
CA GLN A 251 -30.17 -1.91 -17.64
C GLN A 251 -29.19 -2.69 -16.77
N GLY A 252 -28.52 -3.69 -17.35
CA GLY A 252 -27.60 -4.51 -16.59
C GLY A 252 -26.38 -3.73 -16.14
N ILE A 253 -25.92 -2.80 -16.98
CA ILE A 253 -24.84 -1.89 -16.57
C ILE A 253 -25.26 -1.12 -15.33
N ALA A 254 -26.51 -0.64 -15.31
CA ALA A 254 -26.99 0.10 -14.15
C ALA A 254 -27.06 -0.79 -12.92
N LEU A 255 -27.51 -2.05 -13.09
CA LEU A 255 -27.59 -2.93 -11.94
C LEU A 255 -26.21 -3.25 -11.39
N ALA A 256 -25.19 -3.31 -12.27
CA ALA A 256 -23.87 -3.69 -11.77
C ALA A 256 -23.17 -2.55 -11.05
N GLN A 257 -23.58 -1.31 -11.28
CA GLN A 257 -23.06 -0.16 -10.55
C GLN A 257 -24.01 0.28 -9.45
N SER A 258 -25.05 -0.52 -9.17
CA SER A 258 -25.85 -0.24 -7.99
C SER A 258 -25.08 -0.64 -6.74
N ARG A 259 -25.44 -0.02 -5.62
CA ARG A 259 -24.76 -0.26 -4.34
C ARG A 259 -25.56 -1.25 -3.50
N TYR A 260 -24.93 -2.40 -3.20
CA TYR A 260 -25.59 -3.46 -2.43
C TYR A 260 -25.10 -3.57 -1.01
N TRP A 261 -23.84 -3.23 -0.75
CA TRP A 261 -23.26 -3.30 0.59
C TRP A 261 -22.22 -2.20 0.72
N ARG A 262 -21.92 -1.83 1.96
CA ARG A 262 -20.86 -0.87 2.25
C ARG A 262 -19.88 -1.49 3.24
N VAL A 263 -18.59 -1.37 2.94
CA VAL A 263 -17.52 -1.67 3.91
C VAL A 263 -16.65 -0.42 3.97
N GLY A 264 -16.71 0.29 5.09
CA GLY A 264 -15.98 1.54 5.22
C GLY A 264 -16.47 2.51 4.16
N ALA A 265 -15.56 2.93 3.30
CA ALA A 265 -15.91 3.87 2.24
C ALA A 265 -16.15 3.20 0.91
N MET A 266 -16.06 1.88 0.84
N MET A 266 -15.99 1.87 0.83
CA MET A 266 -16.22 1.17 -0.42
CA MET A 266 -16.26 1.16 -0.40
C MET A 266 -17.61 0.53 -0.49
C MET A 266 -17.71 0.71 -0.44
N TYR A 267 -18.25 0.66 -1.65
CA TYR A 267 -19.56 0.09 -1.89
C TYR A 267 -19.42 -1.02 -2.91
N GLN A 268 -20.08 -2.14 -2.64
CA GLN A 268 -19.98 -3.32 -3.50
C GLN A 268 -21.09 -3.30 -4.55
N GLY A 269 -20.71 -3.29 -5.82
CA GLY A 269 -21.62 -3.51 -6.93
C GLY A 269 -21.60 -4.95 -7.38
N LEU A 270 -22.02 -5.20 -8.64
CA LEU A 270 -21.87 -6.54 -9.23
C LEU A 270 -20.57 -6.49 -10.01
N GLY A 271 -19.50 -7.04 -9.41
CA GLY A 271 -18.18 -6.93 -10.04
C GLY A 271 -17.53 -5.58 -9.76
N TRP A 272 -18.12 -4.50 -10.28
CA TRP A 272 -17.63 -3.16 -9.97
C TRP A 272 -17.66 -2.86 -8.47
N GLU A 273 -16.72 -2.01 -8.03
CA GLU A 273 -16.69 -1.43 -6.70
C GLU A 273 -16.67 0.11 -6.82
N MET A 274 -17.25 0.77 -5.84
CA MET A 274 -17.51 2.21 -5.96
C MET A 274 -17.18 2.90 -4.65
N LEU A 275 -16.71 4.16 -4.75
CA LEU A 275 -16.61 5.05 -3.60
C LEU A 275 -17.30 6.35 -3.97
N ASN A 276 -17.95 6.99 -3.00
CA ASN A 276 -18.54 8.29 -3.27
C ASN A 276 -17.46 9.29 -3.68
N TRP A 277 -17.76 10.07 -4.71
CA TRP A 277 -16.90 11.12 -5.21
C TRP A 277 -17.42 12.47 -4.75
N PRO A 278 -16.55 13.40 -4.31
CA PRO A 278 -15.09 13.34 -4.30
C PRO A 278 -14.53 12.51 -3.15
N VAL A 279 -13.39 11.88 -3.44
CA VAL A 279 -12.70 10.99 -2.51
C VAL A 279 -11.19 11.22 -2.69
N ASP A 280 -10.46 11.20 -1.58
CA ASP A 280 -9.01 11.31 -1.58
C ASP A 280 -8.36 9.99 -2.00
N VAL A 281 -7.14 10.09 -2.58
CA VAL A 281 -6.48 8.88 -3.08
C VAL A 281 -6.22 7.88 -1.95
N LYS A 282 -5.89 8.37 -0.76
CA LYS A 282 -5.61 7.43 0.32
C LYS A 282 -6.84 6.62 0.67
N THR A 283 -8.01 7.26 0.64
CA THR A 283 -9.25 6.53 0.88
C THR A 283 -9.51 5.47 -0.18
N VAL A 284 -9.21 5.77 -1.46
CA VAL A 284 -9.41 4.78 -2.49
C VAL A 284 -8.45 3.61 -2.29
N VAL A 285 -7.20 3.90 -1.94
CA VAL A 285 -6.22 2.84 -1.66
C VAL A 285 -6.69 1.97 -0.51
N ASP A 286 -7.13 2.59 0.58
CA ASP A 286 -7.55 1.84 1.77
C ASP A 286 -8.87 1.12 1.53
N GLY A 287 -9.60 1.49 0.48
CA GLY A 287 -10.86 0.87 0.16
C GLY A 287 -10.78 -0.15 -0.95
N SER A 288 -9.58 -0.52 -1.39
CA SER A 288 -9.43 -1.48 -2.49
C SER A 288 -8.48 -2.60 -2.09
N ASP A 289 -8.43 -2.93 -0.81
CA ASP A 289 -7.69 -4.08 -0.31
C ASP A 289 -8.69 -5.22 -0.11
N ASN A 290 -8.56 -6.29 -0.90
CA ASN A 290 -9.38 -7.47 -0.67
C ASN A 290 -8.69 -8.31 0.38
N LYS A 291 -9.08 -8.09 1.63
CA LYS A 291 -8.42 -8.70 2.77
C LYS A 291 -8.50 -10.22 2.69
N VAL A 292 -7.49 -10.88 3.27
CA VAL A 292 -7.53 -12.34 3.43
C VAL A 292 -8.58 -12.73 4.46
N ALA A 293 -8.88 -11.85 5.41
CA ALA A 293 -9.82 -12.12 6.49
C ALA A 293 -11.19 -11.52 6.18
N LEU A 294 -12.21 -12.11 6.80
CA LEU A 294 -13.58 -11.60 6.67
C LEU A 294 -13.73 -10.25 7.38
N VAL A 295 -14.59 -9.40 6.84
CA VAL A 295 -14.95 -8.12 7.47
C VAL A 295 -16.46 -7.97 7.48
N PRO A 296 -17.07 -7.27 8.43
CA PRO A 296 -18.51 -7.06 8.39
C PRO A 296 -18.92 -6.08 7.30
N VAL A 297 -20.17 -6.22 6.84
CA VAL A 297 -20.72 -5.31 5.85
C VAL A 297 -21.93 -4.58 6.43
N ALA A 298 -22.21 -3.42 5.85
CA ALA A 298 -23.48 -2.73 6.07
C ALA A 298 -24.37 -2.93 4.85
N GLU A 299 -25.62 -3.28 5.09
CA GLU A 299 -26.54 -3.57 4.00
C GLU A 299 -27.06 -2.29 3.38
N VAL A 300 -27.21 -2.28 2.06
CA VAL A 300 -27.90 -1.20 1.35
C VAL A 300 -29.20 -1.79 0.82
N ASN A 301 -30.30 -1.56 1.53
CA ASN A 301 -31.57 -2.23 1.26
C ASN A 301 -32.67 -1.19 1.22
N PRO A 302 -33.32 -0.96 0.07
CA PRO A 302 -33.03 -1.59 -1.23
C PRO A 302 -31.71 -1.14 -1.81
N PRO A 303 -31.17 -1.87 -2.78
CA PRO A 303 -29.92 -1.41 -3.41
C PRO A 303 -30.08 -0.02 -3.96
N ALA A 304 -29.04 0.79 -3.80
CA ALA A 304 -29.09 2.15 -4.31
C ALA A 304 -28.73 2.16 -5.79
N PRO A 305 -29.50 2.84 -6.63
CA PRO A 305 -29.17 2.92 -8.05
C PRO A 305 -27.83 3.62 -8.24
N PRO A 306 -27.24 3.51 -9.44
CA PRO A 306 -25.91 4.10 -9.65
C PRO A 306 -25.89 5.58 -9.32
N VAL A 307 -24.76 5.99 -8.75
CA VAL A 307 -24.51 7.37 -8.34
C VAL A 307 -23.49 7.94 -9.29
N LYS A 308 -23.86 9.00 -10.02
CA LYS A 308 -22.91 9.56 -10.97
C LYS A 308 -21.66 10.06 -10.26
N ALA A 309 -21.83 10.62 -9.07
CA ALA A 309 -20.70 11.07 -8.27
C ALA A 309 -20.07 9.88 -7.55
N SER A 310 -19.36 9.08 -8.32
CA SER A 310 -18.68 7.89 -7.82
C SER A 310 -17.33 7.76 -8.48
N TRP A 311 -16.38 7.23 -7.72
CA TRP A 311 -15.17 6.63 -8.27
C TRP A 311 -15.50 5.16 -8.45
N VAL A 312 -15.54 4.69 -9.70
CA VAL A 312 -15.89 3.30 -10.00
C VAL A 312 -14.64 2.59 -10.50
N HIS A 313 -14.33 1.42 -9.93
CA HIS A 313 -13.07 0.80 -10.34
C HIS A 313 -13.06 -0.71 -10.11
N LYS A 314 -12.03 -1.35 -10.67
CA LYS A 314 -11.78 -2.75 -10.40
C LYS A 314 -10.31 -3.04 -10.68
N THR A 315 -9.66 -3.75 -9.75
CA THR A 315 -8.31 -4.27 -9.95
C THR A 315 -8.37 -5.70 -10.45
N GLY A 316 -7.29 -6.15 -11.08
CA GLY A 316 -7.26 -7.57 -11.37
C GLY A 316 -5.88 -8.04 -11.77
N SER A 317 -5.55 -9.28 -11.42
CA SER A 317 -4.24 -9.81 -11.75
C SER A 317 -4.37 -11.28 -12.06
N THR A 318 -3.38 -11.77 -12.79
CA THR A 318 -3.11 -13.21 -12.88
C THR A 318 -1.70 -13.40 -12.37
N GLY A 319 -1.13 -14.59 -12.60
CA GLY A 319 0.27 -14.76 -12.20
C GLY A 319 1.20 -13.78 -12.89
N GLY A 320 0.88 -13.42 -14.13
CA GLY A 320 1.82 -12.66 -14.94
C GLY A 320 1.36 -11.29 -15.37
N PHE A 321 0.14 -10.90 -14.99
CA PHE A 321 -0.44 -9.64 -15.46
C PHE A 321 -1.02 -8.84 -14.30
N GLY A 322 -1.06 -7.52 -14.47
CA GLY A 322 -1.77 -6.69 -13.51
C GLY A 322 -2.53 -5.60 -14.27
N SER A 323 -3.84 -5.52 -14.05
CA SER A 323 -4.72 -4.60 -14.77
C SER A 323 -5.49 -3.73 -13.80
N TYR A 324 -5.99 -2.61 -14.31
CA TYR A 324 -6.75 -1.68 -13.46
C TYR A 324 -7.62 -0.81 -14.34
N VAL A 325 -8.88 -0.62 -13.94
CA VAL A 325 -9.80 0.26 -14.66
C VAL A 325 -10.48 1.15 -13.63
N ALA A 326 -10.63 2.45 -13.93
CA ALA A 326 -11.34 3.33 -13.02
C ALA A 326 -11.98 4.45 -13.81
N PHE A 327 -13.13 4.93 -13.35
CA PHE A 327 -13.77 6.05 -14.05
C PHE A 327 -14.65 6.83 -13.08
N ILE A 328 -14.94 8.08 -13.45
CA ILE A 328 -15.74 8.96 -12.60
C ILE A 328 -16.85 9.51 -13.48
N PRO A 329 -18.08 8.99 -13.39
CA PRO A 329 -19.12 9.43 -14.35
C PRO A 329 -19.44 10.91 -14.24
N GLU A 330 -19.41 11.48 -13.03
N GLU A 330 -19.41 11.49 -13.03
CA GLU A 330 -19.69 12.90 -12.85
CA GLU A 330 -19.70 12.91 -12.88
C GLU A 330 -18.75 13.78 -13.68
C GLU A 330 -18.78 13.77 -13.73
N LYS A 331 -17.51 13.35 -13.86
N LYS A 331 -17.52 13.36 -13.87
CA LYS A 331 -16.52 14.11 -14.59
CA LYS A 331 -16.53 14.14 -14.60
C LYS A 331 -16.31 13.62 -16.02
C LYS A 331 -16.30 13.62 -16.02
N GLN A 332 -16.84 12.44 -16.36
CA GLN A 332 -16.63 11.85 -17.68
C GLN A 332 -15.15 11.71 -18.02
N ILE A 333 -14.39 11.18 -17.06
CA ILE A 333 -13.02 10.74 -17.29
C ILE A 333 -12.84 9.32 -16.77
N GLY A 334 -11.91 8.61 -17.39
CA GLY A 334 -11.64 7.26 -16.95
C GLY A 334 -10.30 6.81 -17.50
N ILE A 335 -9.86 5.64 -17.03
CA ILE A 335 -8.52 5.17 -17.39
C ILE A 335 -8.53 3.64 -17.39
N VAL A 336 -7.76 3.08 -18.31
CA VAL A 336 -7.44 1.63 -18.39
C VAL A 336 -5.94 1.51 -18.29
N MET A 337 -5.45 0.61 -17.41
CA MET A 337 -4.02 0.34 -17.28
C MET A 337 -3.82 -1.16 -17.39
N LEU A 338 -3.22 -1.62 -18.49
CA LEU A 338 -2.95 -3.05 -18.69
C LEU A 338 -1.44 -3.27 -18.64
N ALA A 339 -0.99 -4.22 -17.84
CA ALA A 339 0.45 -4.47 -17.70
C ALA A 339 0.70 -5.98 -17.73
N ASN A 340 1.86 -6.38 -18.26
CA ASN A 340 2.19 -7.81 -18.26
C ASN A 340 3.22 -8.14 -17.18
N LYS A 341 3.11 -7.48 -16.03
CA LYS A 341 3.64 -7.94 -14.75
C LYS A 341 2.67 -7.49 -13.68
N SER A 342 2.43 -8.35 -12.68
CA SER A 342 1.60 -7.97 -11.55
C SER A 342 2.40 -7.05 -10.63
N TYR A 343 1.85 -5.90 -10.27
CA TYR A 343 2.49 -4.96 -9.35
C TYR A 343 1.41 -4.46 -8.38
N PRO A 344 1.80 -3.89 -7.24
CA PRO A 344 0.82 -3.73 -6.16
C PRO A 344 -0.40 -2.91 -6.54
N ASN A 345 -1.56 -3.36 -6.07
CA ASN A 345 -2.80 -2.63 -6.33
C ASN A 345 -2.77 -1.18 -5.84
N PRO A 346 -2.24 -0.85 -4.65
CA PRO A 346 -2.19 0.57 -4.27
C PRO A 346 -1.43 1.41 -5.26
N VAL A 347 -0.39 0.85 -5.89
CA VAL A 347 0.39 1.60 -6.87
C VAL A 347 -0.43 1.83 -8.12
N ARG A 348 -1.28 0.87 -8.50
CA ARG A 348 -2.18 1.07 -9.64
C ARG A 348 -3.13 2.23 -9.35
N VAL A 349 -3.72 2.24 -8.15
CA VAL A 349 -4.64 3.30 -7.76
C VAL A 349 -3.94 4.66 -7.77
N GLU A 350 -2.75 4.73 -7.19
CA GLU A 350 -2.03 6.00 -7.10
C GLU A 350 -1.71 6.54 -8.49
N THR A 351 -1.28 5.64 -9.38
CA THR A 351 -0.93 6.02 -10.75
C THR A 351 -2.14 6.55 -11.49
N ALA A 352 -3.24 5.80 -11.43
CA ALA A 352 -4.47 6.22 -12.10
C ALA A 352 -4.97 7.55 -11.55
N TYR A 353 -5.03 7.66 -10.22
CA TYR A 353 -5.55 8.87 -9.58
C TYR A 353 -4.74 10.09 -10.00
N ARG A 354 -3.41 9.97 -10.03
CA ARG A 354 -2.59 11.10 -10.43
C ARG A 354 -2.85 11.51 -11.88
N ILE A 355 -3.03 10.53 -12.77
CA ILE A 355 -3.28 10.87 -14.18
C ILE A 355 -4.64 11.53 -14.33
N LEU A 356 -5.67 10.98 -13.68
CA LEU A 356 -7.00 11.56 -13.81
C LEU A 356 -7.04 12.96 -13.22
N GLU A 357 -6.25 13.21 -12.16
CA GLU A 357 -6.20 14.51 -11.52
C GLU A 357 -5.75 15.60 -12.48
N THR A 358 -4.92 15.26 -13.47
CA THR A 358 -4.45 16.27 -14.43
C THR A 358 -5.51 16.67 -15.43
N LEU A 359 -6.60 15.92 -15.55
CA LEU A 359 -7.58 16.19 -16.61
C LEU A 359 -8.50 17.39 -16.30
N MET B 4 7.00 -16.36 25.94
CA MET B 4 6.66 -16.56 24.54
C MET B 4 7.84 -17.12 23.76
N SER B 5 7.63 -18.26 23.09
CA SER B 5 8.71 -18.91 22.35
C SER B 5 9.03 -18.13 21.08
N GLU B 6 10.20 -18.44 20.50
CA GLU B 6 10.63 -17.76 19.28
C GLU B 6 9.67 -18.05 18.14
N LYS B 7 9.11 -19.27 18.08
CA LYS B 7 8.15 -19.59 17.04
C LYS B 7 6.85 -18.80 17.22
N GLN B 8 6.36 -18.72 18.46
CA GLN B 8 5.16 -17.93 18.73
C GLN B 8 5.40 -16.46 18.43
N LEU B 9 6.60 -15.96 18.73
CA LEU B 9 6.93 -14.57 18.42
C LEU B 9 6.96 -14.32 16.92
N ALA B 10 7.63 -15.20 16.17
CA ALA B 10 7.65 -15.08 14.72
C ALA B 10 6.24 -15.13 14.13
N ASP B 11 5.36 -15.93 14.74
CA ASP B 11 3.98 -16.00 14.25
C ASP B 11 3.24 -14.67 14.46
N VAL B 12 3.37 -14.07 15.64
CA VAL B 12 2.74 -12.77 15.89
C VAL B 12 3.25 -11.73 14.89
N VAL B 13 4.55 -11.71 14.65
CA VAL B 13 5.10 -10.72 13.74
C VAL B 13 4.61 -10.96 12.32
N GLU B 14 4.69 -12.20 11.87
CA GLU B 14 4.25 -12.48 10.50
C GLU B 14 2.77 -12.17 10.31
N ARG B 15 1.93 -12.54 11.29
CA ARG B 15 0.50 -12.36 11.14
C ARG B 15 0.11 -10.88 11.09
N THR B 16 0.95 -10.02 11.63
CA THR B 16 0.73 -8.57 11.61
C THR B 16 1.35 -7.94 10.38
N VAL B 17 2.58 -8.32 10.06
CA VAL B 17 3.32 -7.66 8.99
C VAL B 17 2.78 -8.06 7.61
N THR B 18 2.40 -9.33 7.42
CA THR B 18 1.97 -9.76 6.09
C THR B 18 0.77 -8.96 5.59
N PRO B 19 -0.35 -8.83 6.31
CA PRO B 19 -1.44 -8.03 5.78
C PRO B 19 -1.10 -6.55 5.70
N LEU B 20 -0.21 -6.06 6.57
CA LEU B 20 0.22 -4.66 6.50
C LEU B 20 0.92 -4.38 5.18
N MET B 21 1.86 -5.26 4.80
CA MET B 21 2.61 -5.01 3.57
C MET B 21 1.71 -5.10 2.34
N LYS B 22 0.73 -5.99 2.38
CA LYS B 22 -0.24 -6.08 1.28
C LYS B 22 -1.14 -4.84 1.22
N ALA B 23 -1.67 -4.41 2.37
CA ALA B 23 -2.59 -3.27 2.37
C ALA B 23 -1.88 -1.98 1.96
N GLN B 24 -0.61 -1.84 2.29
CA GLN B 24 0.10 -0.59 2.07
C GLN B 24 1.08 -0.65 0.90
N ALA B 25 1.19 -1.78 0.20
CA ALA B 25 2.15 -1.94 -0.90
C ALA B 25 3.56 -1.61 -0.44
N ILE B 26 3.92 -2.10 0.74
CA ILE B 26 5.29 -1.98 1.22
C ILE B 26 6.13 -3.10 0.61
N PRO B 27 7.13 -2.78 -0.22
CA PRO B 27 7.87 -3.89 -0.87
C PRO B 27 8.71 -4.72 0.09
N GLY B 28 9.35 -4.09 1.07
CA GLY B 28 10.20 -4.81 1.98
C GLY B 28 10.17 -4.20 3.37
N MET B 29 10.31 -5.06 4.38
CA MET B 29 10.33 -4.61 5.76
C MET B 29 11.31 -5.45 6.56
N ALA B 30 12.02 -4.79 7.47
CA ALA B 30 12.84 -5.47 8.46
C ALA B 30 12.33 -5.10 9.84
N VAL B 31 12.13 -6.09 10.70
CA VAL B 31 11.59 -5.86 12.03
C VAL B 31 12.53 -6.48 13.05
N ALA B 32 12.80 -5.74 14.13
CA ALA B 32 13.46 -6.31 15.28
C ALA B 32 12.54 -6.18 16.48
N VAL B 33 12.42 -7.24 17.27
CA VAL B 33 11.72 -7.17 18.55
C VAL B 33 12.73 -7.43 19.65
N ILE B 34 12.76 -6.53 20.65
CA ILE B 34 13.65 -6.67 21.80
C ILE B 34 12.82 -7.24 22.95
N TYR B 35 13.26 -8.38 23.49
CA TYR B 35 12.46 -9.13 24.46
C TYR B 35 13.43 -9.99 25.25
N GLN B 36 13.31 -9.96 26.58
CA GLN B 36 14.14 -10.79 27.47
C GLN B 36 15.63 -10.52 27.27
N GLY B 37 15.97 -9.28 26.95
CA GLY B 37 17.34 -8.89 26.77
C GLY B 37 17.93 -9.17 25.41
N GLN B 38 17.14 -9.73 24.49
CA GLN B 38 17.67 -10.20 23.22
C GLN B 38 16.93 -9.56 22.05
N PRO B 39 17.64 -9.27 20.96
CA PRO B 39 16.99 -8.90 19.71
C PRO B 39 16.58 -10.12 18.90
N HIS B 40 15.43 -9.99 18.24
CA HIS B 40 14.89 -11.03 17.36
C HIS B 40 14.57 -10.37 16.04
N TYR B 41 15.10 -10.93 14.94
CA TYR B 41 15.02 -10.28 13.64
C TYR B 41 14.06 -11.01 12.72
N PHE B 42 13.28 -10.23 11.96
CA PHE B 42 12.30 -10.77 11.02
C PHE B 42 12.37 -9.94 9.76
N THR B 43 12.57 -10.60 8.61
CA THR B 43 12.69 -9.84 7.36
C THR B 43 11.67 -10.36 6.34
N PHE B 44 11.18 -9.42 5.53
CA PHE B 44 10.07 -9.67 4.62
C PHE B 44 10.34 -8.96 3.30
N GLY B 45 10.03 -9.64 2.19
CA GLY B 45 9.91 -8.92 0.94
C GLY B 45 11.24 -8.50 0.34
N LYS B 46 11.21 -7.42 -0.44
CA LYS B 46 12.31 -7.07 -1.33
C LYS B 46 12.91 -5.71 -1.00
N ALA B 47 14.24 -5.64 -1.01
CA ALA B 47 14.94 -4.37 -0.91
C ALA B 47 14.96 -3.62 -2.23
N ASP B 48 14.92 -4.36 -3.33
CA ASP B 48 15.02 -3.83 -4.69
C ASP B 48 14.06 -4.66 -5.53
N VAL B 49 12.95 -4.06 -5.94
CA VAL B 49 11.89 -4.80 -6.65
C VAL B 49 12.38 -5.26 -8.02
N ALA B 50 13.01 -4.36 -8.76
CA ALA B 50 13.41 -4.69 -10.13
C ALA B 50 14.46 -5.80 -10.15
N ALA B 51 15.43 -5.73 -9.24
CA ALA B 51 16.50 -6.72 -9.16
C ALA B 51 16.12 -7.95 -8.36
N ASN B 52 14.93 -7.97 -7.76
CA ASN B 52 14.47 -9.07 -6.92
C ASN B 52 15.48 -9.40 -5.82
N LYS B 53 15.99 -8.34 -5.16
CA LYS B 53 16.90 -8.53 -4.04
C LYS B 53 16.11 -8.55 -2.75
N PRO B 54 16.24 -9.59 -1.93
CA PRO B 54 15.44 -9.64 -0.69
C PRO B 54 15.98 -8.75 0.41
N VAL B 55 15.06 -8.32 1.29
CA VAL B 55 15.47 -7.69 2.55
C VAL B 55 16.15 -8.74 3.42
N THR B 56 17.30 -8.37 4.00
CA THR B 56 18.02 -9.20 4.96
C THR B 56 18.30 -8.33 6.17
N PRO B 57 18.82 -8.92 7.25
CA PRO B 57 19.22 -8.08 8.40
C PRO B 57 20.32 -7.09 8.06
N GLN B 58 21.00 -7.22 6.92
CA GLN B 58 22.03 -6.26 6.53
C GLN B 58 21.49 -5.14 5.63
N THR B 59 20.22 -5.21 5.23
CA THR B 59 19.70 -4.19 4.32
C THR B 59 19.66 -2.83 4.99
N LEU B 60 20.16 -1.82 4.30
CA LEU B 60 20.12 -0.44 4.81
C LEU B 60 18.83 0.26 4.38
N PHE B 61 18.18 0.92 5.35
CA PHE B 61 16.96 1.69 5.14
C PHE B 61 17.21 3.15 5.53
N GLU B 62 16.52 4.08 4.87
CA GLU B 62 16.57 5.48 5.29
C GLU B 62 15.69 5.69 6.53
N LEU B 63 16.25 6.37 7.54
CA LEU B 63 15.53 6.60 8.79
C LEU B 63 14.73 7.89 8.82
N GLY B 64 14.99 8.83 7.92
CA GLY B 64 14.27 10.09 8.00
C GLY B 64 14.56 10.70 9.36
N SER B 65 13.51 11.20 10.02
CA SER B 65 13.80 12.00 11.20
C SER B 65 13.89 11.17 12.47
N VAL B 66 13.88 9.84 12.36
CA VAL B 66 14.45 9.03 13.42
C VAL B 66 15.92 9.37 13.61
N SER B 67 16.56 9.94 12.58
CA SER B 67 17.93 10.48 12.72
C SER B 67 18.03 11.45 13.89
N LYS B 68 16.96 12.18 14.18
CA LYS B 68 17.00 13.14 15.27
C LYS B 68 17.17 12.48 16.62
N THR B 69 16.91 11.18 16.77
CA THR B 69 17.19 10.56 18.06
C THR B 69 18.69 10.43 18.26
N PHE B 70 19.44 10.12 17.19
CA PHE B 70 20.89 10.10 17.30
C PHE B 70 21.43 11.48 17.62
N THR B 71 20.90 12.49 16.93
CA THR B 71 21.33 13.86 17.20
C THR B 71 21.02 14.28 18.63
N GLY B 72 19.81 13.97 19.12
CA GLY B 72 19.48 14.31 20.50
C GLY B 72 20.44 13.68 21.51
N VAL B 73 20.77 12.40 21.30
CA VAL B 73 21.70 11.74 22.21
C VAL B 73 23.10 12.34 22.10
N LEU B 74 23.54 12.64 20.87
CA LEU B 74 24.84 13.29 20.73
C LEU B 74 24.86 14.62 21.48
N GLY B 75 23.78 15.38 21.40
CA GLY B 75 23.68 16.60 22.20
C GLY B 75 23.66 16.31 23.68
N GLY B 76 22.94 15.26 24.10
CA GLY B 76 22.96 14.90 25.51
C GLY B 76 24.36 14.57 26.00
N ASP B 77 25.12 13.85 25.16
CA ASP B 77 26.50 13.53 25.51
C ASP B 77 27.33 14.79 25.66
N ALA B 78 27.09 15.78 24.79
CA ALA B 78 27.81 17.05 24.89
C ALA B 78 27.45 17.80 26.18
N ILE B 79 26.17 17.76 26.59
CA ILE B 79 25.80 18.29 27.90
C ILE B 79 26.55 17.58 29.01
N ALA B 80 26.59 16.24 28.95
CA ALA B 80 27.27 15.50 30.00
C ALA B 80 28.77 15.79 30.02
N ARG B 81 29.35 16.12 28.85
CA ARG B 81 30.75 16.52 28.77
C ARG B 81 30.99 17.94 29.26
N LYS B 82 29.94 18.66 29.60
CA LYS B 82 30.03 20.06 30.01
C LYS B 82 30.53 20.93 28.86
N GLU B 83 30.27 20.51 27.62
CA GLU B 83 30.58 21.33 26.45
C GLU B 83 29.47 22.33 26.14
N ILE B 84 28.23 21.95 26.40
CA ILE B 84 27.07 22.80 26.18
C ILE B 84 26.14 22.64 27.37
N SER B 85 25.21 23.58 27.47
CA SER B 85 24.04 23.46 28.34
C SER B 85 22.81 23.83 27.52
N LEU B 86 21.68 23.18 27.81
CA LEU B 86 20.45 23.55 27.11
C LEU B 86 20.06 24.99 27.43
N ALA B 87 20.54 25.52 28.55
CA ALA B 87 20.25 26.89 28.93
C ALA B 87 21.07 27.91 28.13
N ASP B 88 22.05 27.47 27.35
CA ASP B 88 22.91 28.39 26.63
C ASP B 88 22.12 29.11 25.55
N PRO B 89 22.49 30.36 25.24
CA PRO B 89 21.87 31.03 24.08
C PRO B 89 22.41 30.50 22.77
N VAL B 90 21.51 30.41 21.78
CA VAL B 90 21.92 30.08 20.42
C VAL B 90 23.05 30.98 19.94
N THR B 91 22.99 32.28 20.27
CA THR B 91 24.01 33.22 19.83
C THR B 91 25.39 32.89 20.38
N LYS B 92 25.48 32.06 21.42
CA LYS B 92 26.81 31.64 21.86
C LYS B 92 27.49 30.79 20.80
N TYR B 93 26.72 30.07 20.01
CA TYR B 93 27.27 29.17 19.02
C TYR B 93 27.16 29.70 17.60
N TRP B 94 26.32 30.71 17.38
CA TRP B 94 26.17 31.31 16.06
C TRP B 94 25.91 32.79 16.30
N PRO B 95 26.95 33.55 16.63
CA PRO B 95 26.74 34.95 17.04
C PRO B 95 26.28 35.84 15.92
N GLU B 96 26.38 35.38 14.67
CA GLU B 96 25.87 36.15 13.52
C GLU B 96 24.36 36.22 13.48
N LEU B 97 23.67 35.36 14.24
CA LEU B 97 22.20 35.42 14.32
C LEU B 97 21.81 36.55 15.27
N THR B 98 21.87 37.77 14.75
CA THR B 98 21.60 38.96 15.55
C THR B 98 20.14 39.42 15.45
N GLY B 99 19.32 38.78 14.64
CA GLY B 99 17.92 39.16 14.53
C GLY B 99 17.23 39.16 15.88
N LYS B 100 16.16 39.97 15.97
CA LYS B 100 15.44 40.09 17.23
C LYS B 100 14.79 38.77 17.64
N GLN B 101 14.43 37.94 16.68
CA GLN B 101 13.80 36.67 16.96
C GLN B 101 14.74 35.68 17.62
N TRP B 102 16.04 35.94 17.60
CA TRP B 102 17.01 35.01 18.18
C TRP B 102 17.48 35.44 19.56
N GLN B 103 17.06 36.63 20.01
CA GLN B 103 17.53 37.15 21.29
C GLN B 103 16.88 36.40 22.44
N GLY B 104 17.70 35.76 23.26
CA GLY B 104 17.17 35.00 24.37
C GLY B 104 16.76 33.59 24.01
N ILE B 105 16.87 33.19 22.74
CA ILE B 105 16.55 31.81 22.37
C ILE B 105 17.66 30.88 22.86
N ARG B 106 17.26 29.79 23.51
CA ARG B 106 18.16 28.83 24.13
C ARG B 106 18.28 27.59 23.24
N LEU B 107 19.36 26.85 23.42
CA LEU B 107 19.41 25.52 22.81
C LEU B 107 18.15 24.72 23.13
N LEU B 108 17.66 24.84 24.37
CA LEU B 108 16.42 24.14 24.77
C LEU B 108 15.26 24.43 23.82
N ASP B 109 15.16 25.69 23.36
CA ASP B 109 14.06 26.08 22.49
C ASP B 109 14.10 25.40 21.13
N LEU B 110 15.27 24.91 20.71
CA LEU B 110 15.33 24.22 19.44
C LEU B 110 14.81 22.79 19.54
N ALA B 111 14.61 22.28 20.77
CA ALA B 111 14.20 20.91 20.96
C ALA B 111 12.69 20.72 20.82
N THR B 112 11.90 21.80 20.77
CA THR B 112 10.45 21.66 20.62
C THR B 112 10.05 22.12 19.23
N TYR B 113 8.75 22.18 19.00
CA TYR B 113 8.19 22.57 17.71
C TYR B 113 8.36 24.06 17.40
N ALA B 130 26.45 31.23 3.62
CA ALA B 130 25.87 32.58 3.62
C ALA B 130 24.38 32.53 3.36
N SER B 131 23.95 31.56 2.55
CA SER B 131 22.54 31.43 2.23
C SER B 131 21.76 30.90 3.43
N LEU B 132 22.35 29.97 4.19
CA LEU B 132 21.69 29.48 5.39
C LEU B 132 21.53 30.59 6.43
N LEU B 133 22.53 31.49 6.53
CA LEU B 133 22.42 32.61 7.46
C LEU B 133 21.26 33.52 7.08
N ARG B 134 21.15 33.89 5.81
CA ARG B 134 20.02 34.71 5.36
C ARG B 134 18.69 34.01 5.63
N PHE B 135 18.65 32.69 5.45
CA PHE B 135 17.44 31.94 5.76
C PHE B 135 17.07 32.08 7.24
N TYR B 136 18.05 31.86 8.13
CA TYR B 136 17.75 31.95 9.55
C TYR B 136 17.55 33.38 10.01
N GLN B 137 18.15 34.36 9.31
N GLN B 137 18.17 34.35 9.31
CA GLN B 137 17.91 35.75 9.69
CA GLN B 137 17.93 35.76 9.62
C GLN B 137 16.55 36.26 9.24
C GLN B 137 16.47 36.13 9.40
N SER B 138 15.80 35.48 8.45
CA SER B 138 14.41 35.77 8.15
C SER B 138 13.44 34.77 8.78
N TRP B 139 13.95 33.75 9.47
CA TRP B 139 13.12 32.70 10.04
C TRP B 139 12.94 32.95 11.53
N GLN B 140 11.71 32.73 12.02
CA GLN B 140 11.38 32.97 13.41
C GLN B 140 11.39 31.67 14.22
N ASN B 153 7.32 20.13 13.72
CA ASN B 153 8.73 19.86 13.43
C ASN B 153 9.65 20.61 14.39
N THR B 154 10.53 19.87 15.05
CA THR B 154 11.50 20.48 15.95
C THR B 154 12.71 20.99 15.18
N SER B 155 13.54 21.81 15.85
CA SER B 155 14.80 22.23 15.27
C SER B 155 15.98 21.46 15.85
N ILE B 156 15.80 20.15 16.08
CA ILE B 156 16.90 19.32 16.56
C ILE B 156 18.03 19.28 15.52
N GLY B 157 17.72 19.44 14.24
CA GLY B 157 18.77 19.57 13.24
C GLY B 157 19.76 20.71 13.53
N LEU B 158 19.24 21.93 13.63
CA LEU B 158 20.09 23.06 13.97
C LEU B 158 20.73 22.88 15.34
N PHE B 159 19.97 22.34 16.30
CA PHE B 159 20.55 22.06 17.62
C PHE B 159 21.79 21.17 17.51
N GLY B 160 21.74 20.13 16.68
CA GLY B 160 22.88 19.24 16.57
C GLY B 160 24.07 19.91 15.89
N SER B 161 23.80 20.74 14.88
CA SER B 161 24.89 21.47 14.23
C SER B 161 25.60 22.38 15.23
N LEU B 162 24.83 23.04 16.12
CA LEU B 162 25.43 23.93 17.11
C LEU B 162 26.09 23.15 18.23
N ALA B 163 25.49 22.01 18.63
CA ALA B 163 25.96 21.25 19.78
C ALA B 163 27.38 20.74 19.58
N VAL B 164 27.81 20.47 18.34
CA VAL B 164 29.12 19.91 18.10
C VAL B 164 30.21 20.97 17.97
N LYS B 165 29.85 22.25 18.04
CA LYS B 165 30.88 23.24 17.77
C LYS B 165 31.99 23.25 18.83
N PRO B 166 31.68 23.13 20.14
CA PRO B 166 32.79 23.07 21.12
C PRO B 166 33.72 21.86 20.91
N SER B 167 33.24 20.77 20.32
CA SER B 167 34.09 19.61 20.09
C SER B 167 35.17 19.87 19.04
N GLY B 168 34.97 20.87 18.17
CA GLY B 168 35.90 21.09 17.07
C GLY B 168 35.81 20.12 15.92
N MET B 169 34.79 19.25 15.91
CA MET B 169 34.61 18.26 14.87
C MET B 169 33.43 18.62 13.96
N ARG B 170 33.51 18.18 12.71
CA ARG B 170 32.32 18.17 11.87
C ARG B 170 31.27 17.25 12.49
N PHE B 171 30.01 17.55 12.23
CA PHE B 171 28.92 16.78 12.84
C PHE B 171 29.06 15.28 12.58
N GLU B 172 29.31 14.90 11.33
CA GLU B 172 29.39 13.47 11.01
C GLU B 172 30.50 12.79 11.78
N GLN B 173 31.65 13.46 11.90
CA GLN B 173 32.77 12.90 12.66
C GLN B 173 32.44 12.79 14.14
N ALA B 174 31.82 13.82 14.73
CA ALA B 174 31.41 13.74 16.12
C ALA B 174 30.42 12.61 16.33
N MET B 175 29.46 12.47 15.43
CA MET B 175 28.46 11.41 15.59
C MET B 175 29.11 10.04 15.55
N ALA B 176 30.01 9.84 14.60
CA ALA B 176 30.69 8.53 14.49
C ALA B 176 31.54 8.25 15.72
N GLU B 177 32.32 9.25 16.16
CA GLU B 177 33.28 9.01 17.24
C GLU B 177 32.59 8.92 18.59
N ARG B 178 31.48 9.65 18.79
CA ARG B 178 30.90 9.75 20.11
C ARG B 178 29.65 8.89 20.31
N VAL B 179 28.99 8.47 19.22
CA VAL B 179 27.73 7.74 19.37
C VAL B 179 27.82 6.41 18.64
N PHE B 180 28.09 6.44 17.32
CA PHE B 180 28.01 5.22 16.53
C PHE B 180 29.03 4.19 17.01
N LYS B 181 30.31 4.56 16.98
CA LYS B 181 31.37 3.58 17.26
C LYS B 181 31.34 3.08 18.70
N PRO B 182 31.14 3.94 19.70
CA PRO B 182 31.05 3.41 21.09
C PRO B 182 29.91 2.43 21.28
N LEU B 183 28.84 2.53 20.49
CA LEU B 183 27.72 1.60 20.58
C LEU B 183 27.82 0.45 19.58
N LYS B 184 28.97 0.32 18.90
CA LYS B 184 29.19 -0.77 17.94
C LYS B 184 28.20 -0.71 16.78
N LEU B 185 27.74 0.49 16.43
CA LEU B 185 26.87 0.69 15.27
C LEU B 185 27.77 0.95 14.08
N ASN B 186 28.32 -0.14 13.53
CA ASN B 186 29.32 -0.06 12.48
C ASN B 186 28.73 -0.16 11.10
N HIS B 187 27.41 -0.27 10.98
CA HIS B 187 26.71 -0.28 9.70
C HIS B 187 25.60 0.76 9.70
N THR B 188 25.89 1.89 10.32
CA THR B 188 24.99 3.02 10.40
C THR B 188 25.71 4.23 9.80
N TRP B 189 25.08 4.84 8.80
CA TRP B 189 25.80 5.71 7.89
C TRP B 189 25.03 7.01 7.70
N ILE B 190 25.75 8.11 7.75
CA ILE B 190 25.21 9.34 7.21
C ILE B 190 25.42 9.39 5.71
N ASN B 191 26.59 8.95 5.22
CA ASN B 191 26.86 8.77 3.79
C ASN B 191 27.20 7.31 3.55
N VAL B 192 26.40 6.63 2.72
CA VAL B 192 26.62 5.21 2.47
C VAL B 192 27.91 5.03 1.68
N PRO B 193 28.90 4.31 2.20
CA PRO B 193 30.14 4.10 1.44
C PRO B 193 29.91 3.23 0.22
N HIS B 194 30.74 3.45 -0.81
CA HIS B 194 30.60 2.71 -2.05
C HIS B 194 30.60 1.21 -1.80
N ALA B 195 31.44 0.74 -0.87
CA ALA B 195 31.51 -0.68 -0.55
C ALA B 195 30.25 -1.21 0.12
N GLU B 196 29.35 -0.32 0.58
CA GLU B 196 28.13 -0.73 1.26
C GLU B 196 26.88 -0.50 0.41
N GLU B 197 27.03 0.04 -0.80
CA GLU B 197 25.85 0.39 -1.60
C GLU B 197 25.03 -0.83 -1.97
N SER B 198 25.65 -2.01 -2.06
CA SER B 198 24.91 -3.22 -2.39
C SER B 198 23.87 -3.57 -1.33
N HIS B 199 24.00 -3.04 -0.11
CA HIS B 199 23.03 -3.27 0.95
C HIS B 199 21.92 -2.23 0.98
N TYR B 200 22.05 -1.14 0.24
CA TYR B 200 21.14 0.01 0.32
C TYR B 200 19.85 -0.32 -0.43
N ALA B 201 18.75 -0.45 0.31
CA ALA B 201 17.45 -0.67 -0.32
C ALA B 201 17.06 0.54 -1.17
N TRP B 202 16.22 0.29 -2.18
CA TRP B 202 15.52 1.38 -2.82
C TRP B 202 14.25 1.69 -2.05
N GLY B 203 13.90 2.97 -1.99
CA GLY B 203 12.59 3.36 -1.50
C GLY B 203 11.60 3.46 -2.64
N TYR B 204 10.32 3.41 -2.32
CA TYR B 204 9.28 3.39 -3.35
C TYR B 204 8.22 4.41 -3.01
N ARG B 205 8.00 5.34 -3.92
CA ARG B 205 6.98 6.37 -3.77
C ARG B 205 6.10 6.28 -5.01
N GLU B 206 4.81 5.93 -4.80
CA GLU B 206 3.88 5.70 -5.90
C GLU B 206 4.47 4.69 -6.88
N GLY B 207 5.20 3.73 -6.33
CA GLY B 207 5.80 2.68 -7.16
C GLY B 207 7.09 3.05 -7.86
N LYS B 208 7.58 4.26 -7.68
CA LYS B 208 8.83 4.70 -8.32
C LYS B 208 9.97 4.58 -7.32
N ALA B 209 11.14 4.17 -7.82
CA ALA B 209 12.31 3.94 -6.95
C ALA B 209 13.02 5.25 -6.66
N VAL B 210 13.24 5.55 -5.36
CA VAL B 210 13.77 6.84 -4.95
C VAL B 210 14.73 6.67 -3.78
N HIS B 211 15.74 7.55 -3.74
CA HIS B 211 16.59 7.71 -2.56
C HIS B 211 16.53 9.16 -2.14
N VAL B 212 16.76 9.38 -0.83
CA VAL B 212 16.71 10.72 -0.25
C VAL B 212 17.74 11.60 -0.93
N SER B 213 17.35 12.85 -1.17
CA SER B 213 18.20 13.86 -1.78
C SER B 213 18.97 14.62 -0.71
N PRO B 214 20.15 15.13 -1.06
CA PRO B 214 20.91 15.98 -0.13
C PRO B 214 20.13 17.25 0.21
N GLY B 215 20.31 17.74 1.43
CA GLY B 215 19.71 18.99 1.81
C GLY B 215 20.41 19.55 3.03
N MET B 216 20.11 20.82 3.32
CA MET B 216 20.71 21.46 4.48
C MET B 216 20.29 20.72 5.75
N LEU B 217 21.27 20.53 6.65
CA LEU B 217 21.06 19.84 7.93
C LEU B 217 20.58 18.41 7.73
N ASP B 218 20.90 17.78 6.60
CA ASP B 218 20.40 16.42 6.43
C ASP B 218 21.11 15.45 7.36
N ALA B 219 22.43 15.63 7.59
CA ALA B 219 23.14 14.74 8.50
C ALA B 219 22.54 14.80 9.91
N GLU B 220 22.12 15.98 10.33
CA GLU B 220 21.63 16.18 11.69
C GLU B 220 20.18 15.80 11.87
N ALA B 221 19.41 15.77 10.80
CA ALA B 221 17.98 15.65 11.01
C ALA B 221 17.26 14.65 10.12
N TYR B 222 17.89 14.09 9.07
CA TYR B 222 17.09 13.44 8.04
C TYR B 222 17.79 12.26 7.37
N GLY B 223 19.13 12.23 7.42
CA GLY B 223 19.91 11.47 6.47
C GLY B 223 20.56 10.19 6.94
N VAL B 224 20.28 9.70 8.16
CA VAL B 224 20.91 8.46 8.60
C VAL B 224 20.29 7.27 7.88
N LYS B 225 21.13 6.31 7.49
CA LYS B 225 20.70 5.02 6.98
C LYS B 225 21.27 3.93 7.88
N SER B 226 20.49 2.88 8.12
CA SER B 226 20.97 1.82 9.02
C SER B 226 20.25 0.53 8.70
N ASN B 227 20.77 -0.58 9.23
CA ASN B 227 20.11 -1.87 9.09
C ASN B 227 19.39 -2.24 10.39
N VAL B 228 18.64 -3.34 10.33
CA VAL B 228 17.77 -3.68 11.46
C VAL B 228 18.58 -4.12 12.68
N LYS B 229 19.79 -4.63 12.47
CA LYS B 229 20.62 -5.06 13.60
C LYS B 229 21.16 -3.87 14.37
N ASP B 230 21.71 -2.89 13.66
CA ASP B 230 22.18 -1.68 14.35
C ASP B 230 21.03 -0.94 14.99
N MET B 231 19.86 -0.92 14.35
CA MET B 231 18.76 -0.19 14.97
C MET B 231 18.25 -0.93 16.19
N ALA B 232 18.30 -2.26 16.19
CA ALA B 232 17.99 -2.99 17.41
C ALA B 232 18.97 -2.64 18.49
N SER B 233 20.24 -2.54 18.14
CA SER B 233 21.23 -2.18 19.15
C SER B 233 20.99 -0.78 19.69
N TRP B 234 20.56 0.12 18.82
CA TRP B 234 20.25 1.50 19.22
C TRP B 234 19.06 1.54 20.16
N VAL B 235 18.00 0.79 19.85
CA VAL B 235 16.88 0.71 20.78
C VAL B 235 17.32 0.12 22.12
N MET B 236 18.10 -0.97 22.09
CA MET B 236 18.52 -1.60 23.35
C MET B 236 19.31 -0.63 24.21
N ALA B 237 20.15 0.20 23.60
CA ALA B 237 20.96 1.14 24.37
C ALA B 237 20.11 2.23 25.00
N ASN B 238 19.09 2.68 24.28
CA ASN B 238 18.24 3.75 24.79
C ASN B 238 17.19 3.21 25.76
N MET B 239 16.84 1.92 25.63
CA MET B 239 15.83 1.31 26.49
C MET B 239 16.39 0.96 27.85
N ALA B 240 17.68 0.60 27.89
CA ALA B 240 18.32 0.09 29.10
C ALA B 240 19.70 0.72 29.23
N PRO B 241 19.76 2.05 29.42
CA PRO B 241 21.07 2.70 29.54
C PRO B 241 21.80 2.32 30.81
N GLU B 242 21.09 1.90 31.85
CA GLU B 242 21.72 1.44 33.09
C GLU B 242 22.59 0.20 32.89
N THR B 243 22.46 -0.49 31.77
CA THR B 243 23.36 -1.61 31.47
C THR B 243 24.68 -1.15 30.87
N LEU B 244 24.72 0.06 30.29
CA LEU B 244 25.97 0.61 29.78
C LEU B 244 26.86 1.01 30.94
N PRO B 245 28.18 1.05 30.73
CA PRO B 245 29.06 1.53 31.80
C PRO B 245 28.87 3.01 32.00
N PRO B 246 29.10 3.51 33.21
CA PRO B 246 29.06 4.95 33.45
C PRO B 246 29.95 5.69 32.46
N SER B 247 29.38 6.70 31.84
CA SER B 247 30.02 7.37 30.71
C SER B 247 29.17 8.57 30.35
N THR B 248 29.79 9.53 29.67
CA THR B 248 28.99 10.66 29.20
C THR B 248 27.94 10.21 28.20
N LEU B 249 28.22 9.14 27.44
CA LEU B 249 27.21 8.66 26.51
C LEU B 249 26.01 8.11 27.26
N GLN B 250 26.25 7.33 28.32
CA GLN B 250 25.15 6.83 29.14
C GLN B 250 24.34 7.99 29.71
N GLN B 251 25.03 9.01 30.22
N GLN B 251 25.03 9.01 30.23
CA GLN B 251 24.34 10.18 30.77
CA GLN B 251 24.33 10.18 30.77
C GLN B 251 23.58 10.92 29.67
C GLN B 251 23.57 10.90 29.67
N GLY B 252 24.17 11.00 28.47
CA GLY B 252 23.50 11.64 27.35
C GLY B 252 22.22 10.93 26.93
N ILE B 253 22.22 9.59 26.99
CA ILE B 253 20.99 8.85 26.68
C ILE B 253 19.88 9.24 27.65
N ALA B 254 20.19 9.31 28.95
CA ALA B 254 19.20 9.75 29.93
C ALA B 254 18.77 11.19 29.70
N LEU B 255 19.71 12.07 29.36
CA LEU B 255 19.33 13.44 29.10
C LEU B 255 18.37 13.56 27.93
N ALA B 256 18.50 12.69 26.92
CA ALA B 256 17.66 12.81 25.74
C ALA B 256 16.26 12.24 25.96
N GLN B 257 16.03 11.48 27.04
CA GLN B 257 14.69 11.03 27.41
C GLN B 257 14.11 11.81 28.59
N SER B 258 14.81 12.84 29.05
CA SER B 258 14.19 13.74 30.01
C SER B 258 13.05 14.49 29.35
N ARG B 259 12.14 15.01 30.15
CA ARG B 259 10.94 15.69 29.62
C ARG B 259 11.14 17.19 29.75
N TYR B 260 11.33 17.85 28.61
CA TYR B 260 11.61 19.29 28.56
C TYR B 260 10.42 20.11 28.09
N TRP B 261 9.58 19.54 27.26
CA TRP B 261 8.41 20.22 26.70
C TRP B 261 7.25 19.25 26.73
N ARG B 262 6.04 19.77 26.92
CA ARG B 262 4.83 18.96 26.85
C ARG B 262 3.95 19.45 25.73
N VAL B 263 3.53 18.54 24.86
CA VAL B 263 2.63 18.87 23.76
C VAL B 263 1.41 17.95 23.94
N GLY B 264 0.42 18.41 24.71
CA GLY B 264 -0.70 17.55 25.02
C GLY B 264 -0.32 16.37 25.90
N ALA B 265 -0.54 15.14 25.43
CA ALA B 265 -0.18 13.95 26.19
C ALA B 265 1.22 13.45 25.86
N MET B 266 1.92 14.11 24.96
CA MET B 266 3.26 13.73 24.58
C MET B 266 4.26 14.68 25.24
N TYR B 267 5.45 14.15 25.52
CA TYR B 267 6.56 14.91 26.07
C TYR B 267 7.74 14.81 25.12
N GLN B 268 8.45 15.92 24.91
CA GLN B 268 9.63 15.91 24.06
C GLN B 268 10.87 15.87 24.94
N GLY B 269 11.79 14.97 24.61
CA GLY B 269 13.13 15.05 25.15
C GLY B 269 14.02 15.71 24.11
N LEU B 270 15.16 15.08 23.80
CA LEU B 270 16.05 15.52 22.73
C LEU B 270 15.89 14.51 21.60
N GLY B 271 15.07 14.84 20.63
CA GLY B 271 14.79 13.91 19.54
C GLY B 271 13.72 12.87 19.89
N TRP B 272 13.87 12.17 21.00
CA TRP B 272 12.86 11.22 21.43
C TRP B 272 11.57 11.92 21.83
N GLU B 273 10.45 11.21 21.62
CA GLU B 273 9.14 11.61 22.12
C GLU B 273 8.62 10.55 23.07
N MET B 274 7.86 10.98 24.09
CA MET B 274 7.43 10.04 25.13
C MET B 274 5.96 10.28 25.47
N LEU B 275 5.23 9.18 25.68
CA LEU B 275 3.92 9.19 26.31
C LEU B 275 4.00 8.38 27.59
N ASN B 276 3.17 8.73 28.58
CA ASN B 276 3.15 7.94 29.79
C ASN B 276 2.58 6.55 29.49
N TRP B 277 3.15 5.55 30.15
CA TRP B 277 2.73 4.16 30.01
C TRP B 277 1.96 3.74 31.26
N PRO B 278 0.79 3.08 31.13
CA PRO B 278 0.16 2.62 29.89
C PRO B 278 -0.50 3.72 29.07
N VAL B 279 -0.51 3.53 27.75
CA VAL B 279 -1.09 4.49 26.82
C VAL B 279 -2.57 4.19 26.60
N LYS B 282 -6.26 5.70 21.33
CA LYS B 282 -5.84 6.62 20.28
C LYS B 282 -4.87 7.66 20.82
N THR B 283 -4.58 7.56 22.11
CA THR B 283 -3.65 8.48 22.75
C THR B 283 -2.22 8.18 22.31
N VAL B 297 2.17 24.00 23.05
CA VAL B 297 3.44 23.56 23.64
C VAL B 297 3.66 24.28 24.96
N ALA B 298 4.07 23.53 25.98
CA ALA B 298 4.36 24.09 27.29
C ALA B 298 5.73 23.59 27.75
N GLU B 299 6.58 24.52 28.20
CA GLU B 299 7.85 24.10 28.80
C GLU B 299 7.57 23.31 30.09
N VAL B 300 8.29 22.21 30.27
CA VAL B 300 8.29 21.51 31.56
C VAL B 300 9.34 22.21 32.39
N ASN B 301 8.92 23.10 33.27
CA ASN B 301 9.83 24.01 33.97
C ASN B 301 9.50 23.95 35.45
N PRO B 302 10.34 23.31 36.27
CA PRO B 302 11.60 22.70 35.87
C PRO B 302 11.38 21.38 35.13
N PRO B 303 12.38 20.94 34.36
CA PRO B 303 12.22 19.69 33.59
C PRO B 303 12.13 18.48 34.50
N ALA B 304 11.73 17.35 33.90
CA ALA B 304 11.65 16.10 34.63
C ALA B 304 12.63 15.09 34.04
N PRO B 305 13.27 14.27 34.88
CA PRO B 305 14.15 13.23 34.35
C PRO B 305 13.35 12.17 33.61
N PRO B 306 14.03 11.22 32.96
CA PRO B 306 13.30 10.16 32.24
C PRO B 306 12.32 9.43 33.14
N VAL B 307 11.17 9.13 32.57
CA VAL B 307 10.14 8.30 33.23
C VAL B 307 10.24 6.90 32.63
N LYS B 308 10.57 5.92 33.48
CA LYS B 308 10.71 4.55 32.99
C LYS B 308 9.38 4.02 32.44
N ALA B 309 8.27 4.40 33.06
CA ALA B 309 6.94 4.02 32.59
C ALA B 309 6.51 4.97 31.47
N SER B 310 7.19 4.81 30.32
CA SER B 310 6.93 5.60 29.14
C SER B 310 6.87 4.67 27.95
N TRP B 311 6.02 5.04 26.98
CA TRP B 311 6.13 4.60 25.61
C TRP B 311 7.02 5.62 24.91
N VAL B 312 8.27 5.23 24.62
CA VAL B 312 9.24 6.13 24.01
C VAL B 312 9.30 5.76 22.54
N HIS B 313 9.19 6.74 21.64
CA HIS B 313 9.13 6.34 20.23
C HIS B 313 9.55 7.47 19.31
N LYS B 314 9.72 7.11 18.04
CA LYS B 314 9.99 8.11 17.03
C LYS B 314 9.59 7.51 15.68
N THR B 315 8.93 8.32 14.87
CA THR B 315 8.64 7.95 13.50
C THR B 315 9.51 8.79 12.57
N GLY B 316 9.84 8.23 11.42
CA GLY B 316 10.60 8.98 10.45
C GLY B 316 10.25 8.58 9.03
N SER B 317 10.24 9.54 8.11
CA SER B 317 9.90 9.25 6.73
C SER B 317 10.81 10.04 5.82
N THR B 318 11.19 9.43 4.70
CA THR B 318 11.71 10.13 3.54
C THR B 318 10.69 9.92 2.42
N GLY B 319 11.05 10.38 1.21
CA GLY B 319 10.17 10.15 0.07
C GLY B 319 9.77 8.69 -0.09
N GLY B 320 10.72 7.78 0.11
CA GLY B 320 10.47 6.38 -0.18
C GLY B 320 10.56 5.43 0.99
N PHE B 321 10.73 5.94 2.21
CA PHE B 321 10.94 5.05 3.36
C PHE B 321 10.08 5.48 4.55
N GLY B 322 9.67 4.50 5.33
CA GLY B 322 8.98 4.80 6.57
C GLY B 322 9.55 3.94 7.69
N SER B 323 10.10 4.60 8.73
N SER B 323 10.11 4.59 8.71
CA SER B 323 10.77 3.94 9.84
CA SER B 323 10.73 3.89 9.83
C SER B 323 10.03 4.24 11.14
C SER B 323 9.96 4.20 11.11
N TYR B 324 10.12 3.31 12.09
CA TYR B 324 9.46 3.50 13.38
C TYR B 324 10.20 2.70 14.45
N VAL B 325 10.45 3.36 15.60
CA VAL B 325 11.03 2.69 16.75
C VAL B 325 10.17 3.02 17.95
N ALA B 326 10.03 2.04 18.86
CA ALA B 326 9.28 2.29 20.09
C ALA B 326 9.78 1.34 21.16
N PHE B 327 9.86 1.81 22.41
CA PHE B 327 10.22 0.89 23.48
C PHE B 327 9.61 1.41 24.78
N ILE B 328 9.50 0.51 25.74
CA ILE B 328 8.94 0.77 27.06
C ILE B 328 9.98 0.35 28.08
N PRO B 329 10.76 1.31 28.62
CA PRO B 329 11.85 0.94 29.55
C PRO B 329 11.35 0.13 30.73
N GLU B 330 10.18 0.47 31.26
CA GLU B 330 9.67 -0.25 32.43
C GLU B 330 9.52 -1.74 32.15
N LYS B 331 9.09 -2.08 30.93
CA LYS B 331 8.82 -3.48 30.57
C LYS B 331 9.97 -4.14 29.85
N GLN B 332 11.01 -3.39 29.50
CA GLN B 332 12.19 -3.92 28.80
C GLN B 332 11.79 -4.64 27.52
N ILE B 333 10.92 -3.99 26.75
CA ILE B 333 10.55 -4.47 25.42
C ILE B 333 10.63 -3.31 24.45
N GLY B 334 10.92 -3.63 23.19
CA GLY B 334 11.05 -2.58 22.19
C GLY B 334 10.90 -3.18 20.81
N ILE B 335 10.76 -2.30 19.83
CA ILE B 335 10.54 -2.75 18.45
C ILE B 335 11.15 -1.73 17.48
N VAL B 336 11.68 -2.28 16.39
CA VAL B 336 12.17 -1.52 15.24
C VAL B 336 11.39 -2.00 14.02
N MET B 337 10.85 -1.05 13.24
CA MET B 337 10.18 -1.38 11.99
C MET B 337 10.75 -0.51 10.88
N LEU B 338 11.49 -1.11 9.95
CA LEU B 338 12.06 -0.40 8.81
C LEU B 338 11.35 -0.85 7.55
N ALA B 339 10.90 0.10 6.74
CA ALA B 339 10.14 -0.20 5.53
C ALA B 339 10.61 0.70 4.40
N ASN B 340 10.61 0.15 3.18
CA ASN B 340 10.97 0.96 2.00
C ASN B 340 9.74 1.45 1.24
N LYS B 341 8.71 1.83 1.98
CA LYS B 341 7.67 2.73 1.52
C LYS B 341 7.21 3.54 2.72
N SER B 342 6.90 4.81 2.50
CA SER B 342 6.38 5.66 3.57
C SER B 342 4.88 5.44 3.68
N TYR B 343 4.42 4.79 4.75
CA TYR B 343 3.03 4.47 4.96
C TYR B 343 2.54 5.18 6.23
N PRO B 344 1.22 5.29 6.44
CA PRO B 344 0.71 6.24 7.43
C PRO B 344 1.24 6.02 8.84
N ASN B 345 1.58 7.13 9.51
CA ASN B 345 2.10 7.02 10.87
C ASN B 345 1.16 6.30 11.84
N PRO B 346 -0.16 6.54 11.84
CA PRO B 346 -1.02 5.78 12.77
C PRO B 346 -0.93 4.28 12.57
N VAL B 347 -0.75 3.83 11.33
CA VAL B 347 -0.61 2.40 11.07
C VAL B 347 0.69 1.86 11.64
N ARG B 348 1.76 2.67 11.64
CA ARG B 348 3.00 2.24 12.27
C ARG B 348 2.80 2.01 13.77
N VAL B 349 2.16 2.97 14.45
CA VAL B 349 1.92 2.81 15.89
C VAL B 349 1.02 1.60 16.15
N GLU B 350 -0.05 1.46 15.37
CA GLU B 350 -0.96 0.32 15.55
C GLU B 350 -0.23 -1.00 15.39
N THR B 351 0.69 -1.08 14.43
CA THR B 351 1.42 -2.31 14.18
C THR B 351 2.38 -2.58 15.34
N ALA B 352 3.11 -1.55 15.77
CA ALA B 352 4.03 -1.73 16.90
C ALA B 352 3.29 -2.15 18.16
N TYR B 353 2.14 -1.52 18.43
CA TYR B 353 1.36 -1.90 19.61
C TYR B 353 0.87 -3.35 19.53
N ARG B 354 0.38 -3.76 18.35
N ARG B 354 0.36 -3.76 18.36
CA ARG B 354 -0.15 -5.11 18.17
CA ARG B 354 -0.15 -5.12 18.22
C ARG B 354 0.92 -6.16 18.48
C ARG B 354 0.93 -6.14 18.56
N ILE B 355 2.18 -5.87 18.17
CA ILE B 355 3.25 -6.83 18.44
C ILE B 355 3.70 -6.72 19.88
N LEU B 356 3.94 -5.49 20.36
CA LEU B 356 4.42 -5.32 21.73
C LEU B 356 3.41 -5.80 22.77
N GLU B 357 2.11 -5.75 22.45
CA GLU B 357 1.12 -6.16 23.44
C GLU B 357 1.15 -7.66 23.73
N THR B 358 1.81 -8.45 22.91
CA THR B 358 1.94 -9.87 23.17
C THR B 358 3.10 -10.21 24.10
N LEU B 359 3.90 -9.23 24.48
CA LEU B 359 5.10 -9.43 25.30
C LEU B 359 4.87 -8.95 26.74
#